data_2FNA
#
_entry.id   2FNA
#
_cell.length_a   55.360
_cell.length_b   108.350
_cell.length_c   70.570
_cell.angle_alpha   90.00
_cell.angle_beta   100.31
_cell.angle_gamma   90.00
#
_symmetry.space_group_name_H-M   'P 1 21 1'
#
loop_
_entity.id
_entity.type
_entity.pdbx_description
1 polymer 'Conserved hypothetical protein'
2 non-polymer 'MAGNESIUM ION'
3 non-polymer "ADENOSINE-5'-DIPHOSPHATE"
4 non-polymer 1,2-ETHANEDIOL
5 water water
#
_entity_poly.entity_id   1
_entity_poly.type   'polypeptide(L)'
_entity_poly.pdbx_seq_one_letter_code
;G(MSE)LFDTSPKDNRKDFFDREKEIEKLKGLRAPITLVLGLRRTGKSSIIKIGINELNLPYIYLDLRKFEERNYISYKD
FLLELQKEINKLVKRLPSLLKALKNIQGIVI(MSE)GNEIKFNWNRKDRLSFANLLESFEQASKDNVIIVLDEAQELVKL
RGVNLLPALAYAYDNLKRIKFI(MSE)SGSE(MSE)GLLYDYLRVEDPESPLFGRAFSTVELKPFSREEAIEFLRRGFQE
ADIDFKDYEVVYEKIGGIPGWLTYFGFIYLDNKNLDFAINQTLEYAKKLILKEFENFLHGREIARKRYLNI(MSE)RTLS
KCGKWSDVKRALELEEGIEISDSEIYNYLTQLTKHSWIIKEGEKYCPSEPLISLAFS
;
_entity_poly.pdbx_strand_id   A,B
#
loop_
_chem_comp.id
_chem_comp.type
_chem_comp.name
_chem_comp.formula
ADP non-polymer ADENOSINE-5'-DIPHOSPHATE 'C10 H15 N5 O10 P2'
EDO non-polymer 1,2-ETHANEDIOL 'C2 H6 O2'
MG non-polymer 'MAGNESIUM ION' 'Mg 2'
#
# COMPACT_ATOMS: atom_id res chain seq x y z
N GLY A 1 2.31 -16.18 1.10
CA GLY A 1 3.01 -14.96 1.55
C GLY A 1 4.49 -15.20 1.71
N MSE A 2 5.16 -14.24 2.32
CA MSE A 2 6.60 -14.30 2.57
C MSE A 2 6.92 -13.48 3.81
O MSE A 2 6.08 -12.75 4.32
CB MSE A 2 7.35 -13.76 1.35
CG MSE A 2 6.93 -12.35 0.94
SE MSE A 2 7.75 -11.71 -0.72
CE MSE A 2 6.93 -13.09 -2.06
N LEU A 3 8.12 -13.64 4.33
CA LEU A 3 8.48 -13.07 5.60
C LEU A 3 8.33 -11.54 5.66
N PHE A 4 8.56 -10.87 4.53
CA PHE A 4 8.52 -9.42 4.49
C PHE A 4 7.21 -8.81 3.98
N ASP A 5 6.12 -9.59 3.87
CA ASP A 5 4.82 -8.97 3.55
C ASP A 5 4.49 -7.83 4.54
N THR A 6 4.18 -6.67 4.00
CA THR A 6 3.84 -5.50 4.77
C THR A 6 2.32 -5.46 5.00
N SER A 7 1.88 -6.36 5.86
CA SER A 7 0.55 -6.42 6.45
C SER A 7 0.69 -7.46 7.60
N PRO A 8 -0.24 -7.43 8.58
CA PRO A 8 -0.13 -8.45 9.60
C PRO A 8 -0.17 -9.89 9.04
N LYS A 9 0.70 -10.75 9.54
CA LYS A 9 0.81 -12.12 9.04
C LYS A 9 -0.36 -12.88 9.59
N ASP A 10 -0.85 -13.87 8.84
CA ASP A 10 -1.91 -14.75 9.31
C ASP A 10 -1.51 -16.23 9.33
N ASN A 11 -0.27 -16.52 8.94
CA ASN A 11 0.25 -17.89 8.86
C ASN A 11 1.61 -17.89 9.50
N ARG A 12 1.85 -18.89 10.35
CA ARG A 12 3.15 -19.06 11.02
C ARG A 12 4.32 -19.29 10.05
N LYS A 13 4.03 -19.84 8.87
CA LYS A 13 5.07 -20.08 7.86
C LYS A 13 5.67 -18.77 7.36
N ASP A 14 4.94 -17.67 7.55
CA ASP A 14 5.37 -16.34 7.14
C ASP A 14 5.92 -15.49 8.31
N PHE A 15 6.14 -16.10 9.48
CA PHE A 15 6.34 -15.36 10.68
C PHE A 15 7.57 -15.86 11.42
N PHE A 16 8.50 -14.95 11.72
CA PHE A 16 9.74 -15.30 12.45
C PHE A 16 9.54 -15.54 13.95
N ASP A 17 9.85 -16.76 14.41
CA ASP A 17 9.77 -17.19 15.81
C ASP A 17 8.56 -16.69 16.57
N ARG A 18 8.78 -16.01 17.70
CA ARG A 18 7.77 -15.82 18.74
C ARG A 18 6.96 -17.09 19.08
N GLU A 19 7.60 -18.25 19.07
CA GLU A 19 6.88 -19.50 19.30
C GLU A 19 6.31 -19.63 20.71
N LYS A 20 7.06 -19.19 21.72
CA LYS A 20 6.57 -19.25 23.11
C LYS A 20 5.36 -18.35 23.27
N GLU A 21 5.40 -17.16 22.64
CA GLU A 21 4.31 -16.21 22.75
C GLU A 21 3.03 -16.73 22.09
N ILE A 22 3.14 -17.31 20.91
CA ILE A 22 1.98 -17.82 20.17
C ILE A 22 1.39 -18.98 20.94
N GLU A 23 2.22 -19.83 21.50
CA GLU A 23 1.73 -21.01 22.19
C GLU A 23 0.98 -20.59 23.45
N LYS A 24 1.51 -19.62 24.18
CA LYS A 24 0.83 -19.06 25.36
C LYS A 24 -0.52 -18.42 25.02
N LEU A 25 -0.52 -17.57 24.00
CA LEU A 25 -1.76 -17.00 23.47
C LEU A 25 -2.82 -18.04 23.14
N LYS A 26 -2.43 -19.03 22.36
CA LYS A 26 -3.29 -20.14 21.98
C LYS A 26 -3.82 -20.97 23.16
N GLY A 27 -3.10 -20.96 24.29
CA GLY A 27 -3.51 -21.68 25.49
C GLY A 27 -4.78 -21.12 26.12
N LEU A 28 -5.10 -19.86 25.84
CA LEU A 28 -6.32 -19.23 26.34
C LEU A 28 -6.45 -19.58 27.83
N ARG A 29 -5.37 -19.30 28.56
CA ARG A 29 -5.11 -19.80 29.89
C ARG A 29 -5.92 -19.14 31.01
N ALA A 30 -6.51 -17.98 30.72
CA ALA A 30 -7.53 -17.38 31.57
C ALA A 30 -8.66 -16.89 30.63
N PRO A 31 -9.83 -16.57 31.18
CA PRO A 31 -10.89 -16.00 30.34
C PRO A 31 -10.50 -14.74 29.55
N ILE A 32 -9.53 -13.99 30.09
CA ILE A 32 -8.92 -12.87 29.40
C ILE A 32 -7.43 -13.08 29.19
N THR A 33 -7.05 -13.00 27.92
CA THR A 33 -5.66 -13.00 27.49
C THR A 33 -5.34 -11.57 27.00
N LEU A 34 -4.28 -10.99 27.59
CA LEU A 34 -3.75 -9.70 27.15
C LEU A 34 -2.56 -9.92 26.22
N VAL A 35 -2.58 -9.22 25.10
CA VAL A 35 -1.45 -9.21 24.19
C VAL A 35 -0.87 -7.80 24.22
N LEU A 36 0.34 -7.70 24.72
CA LEU A 36 1.02 -6.43 24.87
C LEU A 36 2.21 -6.27 23.92
N GLY A 37 2.68 -5.02 23.79
CA GLY A 37 3.78 -4.71 22.91
C GLY A 37 3.56 -3.36 22.25
N LEU A 38 4.66 -2.65 21.97
CA LEU A 38 4.57 -1.40 21.23
C LEU A 38 3.97 -1.64 19.87
N ARG A 39 3.47 -0.58 19.26
CA ARG A 39 3.10 -0.67 17.89
C ARG A 39 4.14 -1.37 17.06
N ARG A 40 3.65 -2.19 16.13
CA ARG A 40 4.48 -2.86 15.11
C ARG A 40 5.37 -3.94 15.64
N THR A 41 4.98 -4.53 16.76
CA THR A 41 5.74 -5.65 17.36
C THR A 41 5.16 -7.03 17.01
N GLY A 42 4.03 -7.07 16.32
CA GLY A 42 3.45 -8.31 15.82
C GLY A 42 2.23 -8.78 16.55
N LYS A 43 1.59 -7.89 17.32
CA LYS A 43 0.46 -8.31 18.17
C LYS A 43 -0.69 -8.80 17.29
N SER A 44 -1.11 -8.01 16.31
CA SER A 44 -2.23 -8.43 15.46
C SER A 44 -1.86 -9.73 14.71
N SER A 45 -0.60 -9.84 14.28
CA SER A 45 -0.10 -11.06 13.63
C SER A 45 -0.24 -12.35 14.47
N ILE A 46 0.22 -12.33 15.72
CA ILE A 46 0.15 -13.57 16.50
C ILE A 46 -1.29 -13.93 16.86
N ILE A 47 -2.14 -12.91 16.97
CA ILE A 47 -3.56 -13.10 17.22
C ILE A 47 -4.21 -13.78 16.02
N LYS A 48 -3.93 -13.26 14.82
CA LYS A 48 -4.40 -13.89 13.58
C LYS A 48 -3.84 -15.31 13.38
N ILE A 49 -2.55 -15.49 13.59
CA ILE A 49 -1.94 -16.81 13.52
C ILE A 49 -2.62 -17.72 14.53
N GLY A 50 -2.76 -17.25 15.77
CA GLY A 50 -3.35 -18.01 16.88
C GLY A 50 -4.77 -18.46 16.58
N ILE A 51 -5.65 -17.56 16.15
CA ILE A 51 -7.05 -17.93 15.88
C ILE A 51 -7.19 -18.78 14.64
N ASN A 52 -6.35 -18.56 13.62
CA ASN A 52 -6.31 -19.47 12.45
C ASN A 52 -5.93 -20.89 12.85
N GLU A 53 -4.89 -21.04 13.67
CA GLU A 53 -4.46 -22.38 14.09
C GLU A 53 -5.44 -23.09 15.04
N LEU A 54 -6.07 -22.34 15.93
CA LEU A 54 -7.06 -22.91 16.87
C LEU A 54 -8.30 -23.41 16.17
N ASN A 55 -8.68 -22.78 15.05
CA ASN A 55 -9.86 -23.27 14.31
C ASN A 55 -11.08 -23.27 15.25
N LEU A 56 -11.25 -22.15 15.93
CA LEU A 56 -12.41 -21.93 16.79
C LEU A 56 -13.17 -20.73 16.25
N PRO A 57 -14.51 -20.73 16.45
CA PRO A 57 -15.30 -19.59 16.07
C PRO A 57 -14.79 -18.34 16.78
N TYR A 58 -14.92 -17.20 16.14
CA TYR A 58 -14.41 -15.98 16.71
C TYR A 58 -15.12 -14.76 16.14
N ILE A 59 -15.02 -13.68 16.93
CA ILE A 59 -15.45 -12.35 16.60
C ILE A 59 -14.18 -11.50 16.67
N TYR A 60 -13.87 -10.77 15.60
CA TYR A 60 -12.66 -9.96 15.59
C TYR A 60 -12.97 -8.48 15.50
N LEU A 61 -12.83 -7.76 16.61
CA LEU A 61 -13.03 -6.31 16.59
C LEU A 61 -11.71 -5.56 16.40
N ASP A 62 -11.53 -5.02 15.18
CA ASP A 62 -10.37 -4.24 14.81
C ASP A 62 -10.61 -2.75 15.15
N LEU A 63 -10.14 -2.34 16.31
CA LEU A 63 -10.55 -1.06 16.91
C LEU A 63 -9.62 0.04 16.49
N ARG A 64 -8.53 -0.33 15.82
CA ARG A 64 -7.62 0.62 15.20
C ARG A 64 -8.37 1.55 14.26
N LYS A 65 -9.45 1.08 13.65
CA LYS A 65 -10.22 1.99 12.82
C LYS A 65 -10.85 3.19 13.56
N PHE A 66 -10.77 3.21 14.89
CA PHE A 66 -11.22 4.35 15.66
C PHE A 66 -10.10 5.22 16.17
N GLU A 67 -8.84 4.91 15.80
CA GLU A 67 -7.69 5.59 16.41
C GLU A 67 -7.65 7.09 16.13
N GLU A 68 -8.21 7.51 15.00
CA GLU A 68 -8.24 8.95 14.63
C GLU A 68 -9.38 9.75 15.24
N ARG A 69 -10.28 9.07 15.95
CA ARG A 69 -11.38 9.73 16.67
C ARG A 69 -11.09 9.90 18.14
N ASN A 70 -11.76 10.87 18.74
CA ASN A 70 -11.67 11.14 20.17
C ASN A 70 -12.82 10.50 20.95
N TYR A 71 -13.83 10.07 20.21
CA TYR A 71 -15.05 9.55 20.78
C TYR A 71 -15.56 8.47 19.84
N ILE A 72 -16.07 7.37 20.41
CA ILE A 72 -16.74 6.31 19.66
C ILE A 72 -18.16 6.23 20.18
N SER A 73 -19.13 6.26 19.27
CA SER A 73 -20.51 6.21 19.67
C SER A 73 -20.97 4.78 19.83
N TYR A 74 -22.07 4.64 20.56
CA TYR A 74 -22.70 3.36 20.79
C TYR A 74 -23.15 2.74 19.46
N LYS A 75 -23.67 3.62 18.59
CA LYS A 75 -24.13 3.29 17.25
C LYS A 75 -22.99 2.76 16.41
N ASP A 76 -21.83 3.43 16.45
CA ASP A 76 -20.69 3.03 15.63
C ASP A 76 -20.03 1.75 16.14
N PHE A 77 -20.10 1.52 17.46
CA PHE A 77 -19.64 0.27 18.04
C PHE A 77 -20.54 -0.90 17.62
N LEU A 78 -21.85 -0.71 17.70
CA LEU A 78 -22.80 -1.74 17.29
C LEU A 78 -22.72 -2.16 15.83
N LEU A 79 -22.40 -1.22 14.93
CA LEU A 79 -22.25 -1.53 13.50
C LEU A 79 -21.05 -2.44 13.27
N GLU A 80 -19.97 -2.26 14.03
CA GLU A 80 -18.81 -3.14 13.91
C GLU A 80 -19.07 -4.55 14.44
N LEU A 81 -19.73 -4.61 15.59
CA LEU A 81 -20.15 -5.86 16.21
C LEU A 81 -21.13 -6.61 15.30
N GLN A 82 -22.06 -5.87 14.71
CA GLN A 82 -23.05 -6.42 13.80
C GLN A 82 -22.39 -7.13 12.63
N LYS A 83 -21.40 -6.47 12.03
CA LYS A 83 -20.63 -7.06 10.93
C LYS A 83 -19.98 -8.38 11.34
N GLU A 84 -19.32 -8.39 12.50
CA GLU A 84 -18.64 -9.59 12.95
C GLU A 84 -19.59 -10.73 13.26
N ILE A 85 -20.72 -10.40 13.87
CA ILE A 85 -21.73 -11.40 14.23
C ILE A 85 -22.23 -12.08 12.96
N ASN A 86 -22.41 -11.31 11.91
CA ASN A 86 -22.89 -11.85 10.63
C ASN A 86 -21.91 -12.88 10.01
N LYS A 87 -20.61 -12.68 10.24
CA LYS A 87 -19.59 -13.66 9.89
C LYS A 87 -19.69 -14.92 10.77
N LEU A 88 -20.01 -14.72 12.05
CA LEU A 88 -20.08 -15.80 13.02
C LEU A 88 -21.30 -16.71 12.86
N VAL A 89 -22.45 -16.14 12.51
CA VAL A 89 -23.66 -16.94 12.24
C VAL A 89 -23.42 -17.97 11.11
N LYS A 90 -22.68 -17.56 10.09
CA LYS A 90 -22.25 -18.47 9.04
C LYS A 90 -21.50 -19.67 9.61
N ARG A 91 -20.64 -19.47 10.63
CA ARG A 91 -19.98 -20.59 11.29
C ARG A 91 -20.87 -21.28 12.34
N LEU A 92 -21.75 -20.52 12.99
CA LEU A 92 -22.60 -21.09 14.05
C LEU A 92 -24.08 -21.06 13.67
N PRO A 93 -24.51 -22.00 12.81
CA PRO A 93 -25.93 -22.15 12.42
C PRO A 93 -26.99 -21.88 13.51
N SER A 94 -26.77 -22.32 14.74
CA SER A 94 -27.78 -22.16 15.81
C SER A 94 -27.71 -20.80 16.52
N LEU A 95 -26.83 -19.92 16.05
CA LEU A 95 -26.70 -18.60 16.66
C LEU A 95 -27.86 -17.70 16.25
N LEU A 96 -28.18 -17.69 14.96
CA LEU A 96 -29.30 -16.89 14.45
C LEU A 96 -30.56 -17.14 15.27
N LYS A 97 -30.79 -18.40 15.63
CA LYS A 97 -31.87 -18.78 16.54
C LYS A 97 -31.69 -18.23 17.97
N ALA A 98 -30.46 -18.32 18.48
CA ALA A 98 -30.13 -17.83 19.83
C ALA A 98 -30.14 -16.28 19.96
N LEU A 99 -29.94 -15.57 18.85
CA LEU A 99 -30.02 -14.10 18.83
C LEU A 99 -31.45 -13.59 18.61
N LYS A 100 -32.37 -14.49 18.27
CA LYS A 100 -33.75 -14.11 17.96
C LYS A 100 -34.43 -13.39 19.13
N ASN A 101 -34.22 -13.90 20.34
CA ASN A 101 -34.87 -13.33 21.54
C ASN A 101 -34.04 -12.25 22.25
N ILE A 102 -32.98 -11.77 21.63
CA ILE A 102 -32.26 -10.61 22.18
C ILE A 102 -33.11 -9.36 21.91
N GLN A 103 -33.31 -8.55 22.95
CA GLN A 103 -34.25 -7.41 22.88
C GLN A 103 -34.07 -6.51 21.65
N GLY A 104 -32.87 -5.96 21.47
CA GLY A 104 -32.64 -5.01 20.38
C GLY A 104 -32.17 -5.57 19.04
N ILE A 105 -32.51 -6.84 18.74
CA ILE A 105 -32.02 -7.48 17.52
C ILE A 105 -33.17 -7.80 16.59
N VAL A 106 -32.94 -7.58 15.29
CA VAL A 106 -33.91 -7.87 14.23
C VAL A 106 -33.22 -8.75 13.19
N ILE A 107 -33.91 -9.81 12.74
CA ILE A 107 -33.35 -10.80 11.82
C ILE A 107 -33.98 -10.68 10.43
N MSE A 108 -33.13 -10.59 9.40
CA MSE A 108 -33.60 -10.55 8.00
C MSE A 108 -32.41 -10.67 7.02
O MSE A 108 -31.68 -9.70 6.86
CB MSE A 108 -34.37 -9.25 7.72
N GLY A 109 -32.21 -11.82 6.38
CA GLY A 109 -32.90 -13.09 6.66
C GLY A 109 -31.94 -14.06 7.32
N ASN A 110 -30.73 -14.16 6.76
CA ASN A 110 -29.63 -14.85 7.42
C ASN A 110 -28.63 -13.89 8.09
N GLU A 111 -29.13 -12.68 8.39
CA GLU A 111 -28.32 -11.64 8.99
C GLU A 111 -29.10 -10.95 10.10
N ILE A 112 -28.38 -10.18 10.93
CA ILE A 112 -28.99 -9.41 12.01
C ILE A 112 -28.77 -7.91 11.82
N LYS A 113 -29.66 -7.13 12.44
CA LYS A 113 -29.55 -5.68 12.54
C LYS A 113 -29.93 -5.28 13.96
N PHE A 114 -29.11 -4.45 14.61
CA PHE A 114 -29.54 -3.86 15.86
C PHE A 114 -30.48 -2.70 15.55
N ASN A 115 -31.58 -2.58 16.30
CA ASN A 115 -32.58 -1.51 16.11
C ASN A 115 -32.53 -0.46 17.22
N ARG A 121 -30.30 0.32 25.61
CA ARG A 121 -29.12 -0.31 25.04
C ARG A 121 -29.21 -1.84 25.08
N LEU A 122 -28.35 -2.48 24.30
CA LEU A 122 -28.21 -3.93 24.22
C LEU A 122 -27.43 -4.49 25.43
N SER A 123 -27.78 -5.70 25.84
CA SER A 123 -27.06 -6.39 26.90
C SER A 123 -25.92 -7.19 26.28
N PHE A 124 -24.71 -6.64 26.39
CA PHE A 124 -23.51 -7.31 25.90
C PHE A 124 -23.36 -8.67 26.60
N ALA A 125 -23.69 -8.76 27.89
CA ALA A 125 -23.58 -10.01 28.65
C ALA A 125 -24.52 -11.12 28.12
N ASN A 126 -25.75 -10.75 27.74
CA ASN A 126 -26.69 -11.72 27.13
C ASN A 126 -26.27 -12.13 25.73
N LEU A 127 -25.66 -11.18 25.02
CA LEU A 127 -25.13 -11.43 23.70
C LEU A 127 -24.03 -12.50 23.74
N LEU A 128 -23.08 -12.32 24.66
CA LEU A 128 -21.95 -13.26 24.85
C LEU A 128 -22.48 -14.63 25.25
N GLU A 129 -23.46 -14.61 26.13
CA GLU A 129 -24.10 -15.81 26.63
C GLU A 129 -24.76 -16.61 25.51
N SER A 130 -25.23 -15.91 24.48
CA SER A 130 -25.88 -16.57 23.32
CA SER A 130 -25.88 -16.56 23.32
C SER A 130 -24.86 -17.18 22.35
N PHE A 131 -23.68 -16.58 22.25
CA PHE A 131 -22.58 -17.17 21.50
C PHE A 131 -22.23 -18.48 22.17
N GLU A 132 -22.14 -18.45 23.50
CA GLU A 132 -21.84 -19.64 24.30
C GLU A 132 -22.93 -20.70 24.15
N GLN A 133 -24.20 -20.30 24.14
CA GLN A 133 -25.31 -21.25 23.87
C GLN A 133 -25.22 -21.92 22.50
N ALA A 134 -24.75 -21.17 21.51
CA ALA A 134 -24.71 -21.61 20.12
C ALA A 134 -23.47 -22.47 19.75
N SER A 135 -22.53 -22.63 20.69
CA SER A 135 -21.23 -23.20 20.40
C SER A 135 -20.92 -24.32 21.39
N LYS A 136 -20.46 -25.46 20.89
CA LYS A 136 -19.95 -26.55 21.73
C LYS A 136 -18.51 -26.24 22.14
N ASP A 137 -17.85 -25.43 21.33
CA ASP A 137 -16.44 -25.09 21.51
C ASP A 137 -16.27 -23.68 22.09
N ASN A 138 -15.06 -23.36 22.54
CA ASN A 138 -14.72 -21.99 22.95
C ASN A 138 -14.95 -21.02 21.79
N VAL A 139 -15.47 -19.84 22.10
CA VAL A 139 -15.62 -18.78 21.10
C VAL A 139 -14.69 -17.67 21.57
N ILE A 140 -13.91 -17.15 20.65
CA ILE A 140 -12.90 -16.18 20.95
C ILE A 140 -13.44 -14.82 20.56
N ILE A 141 -13.30 -13.88 21.49
CA ILE A 141 -13.68 -12.52 21.27
C ILE A 141 -12.41 -11.69 21.28
N VAL A 142 -12.08 -11.14 20.11
CA VAL A 142 -10.87 -10.36 19.96
C VAL A 142 -11.22 -8.91 19.97
N LEU A 143 -10.55 -8.20 20.86
CA LEU A 143 -10.60 -6.76 20.93
C LEU A 143 -9.22 -6.28 20.65
N ASP A 144 -8.94 -6.04 19.38
CA ASP A 144 -7.62 -5.69 18.95
C ASP A 144 -7.47 -4.16 19.05
N GLU A 145 -6.61 -3.77 19.97
CA GLU A 145 -6.46 -2.38 20.46
C GLU A 145 -7.63 -1.96 21.37
N ALA A 146 -7.87 -2.79 22.39
CA ALA A 146 -9.01 -2.64 23.28
C ALA A 146 -9.04 -1.33 24.04
N GLN A 147 -7.86 -0.76 24.34
CA GLN A 147 -7.77 0.53 25.00
C GLN A 147 -8.52 1.68 24.24
N GLU A 148 -8.77 1.50 22.94
CA GLU A 148 -9.61 2.41 22.17
C GLU A 148 -11.03 2.58 22.75
N LEU A 149 -11.50 1.56 23.44
CA LEU A 149 -12.84 1.54 24.08
C LEU A 149 -12.98 2.53 25.21
N VAL A 150 -11.86 3.07 25.68
CA VAL A 150 -11.90 4.22 26.57
C VAL A 150 -12.72 5.36 25.95
N LYS A 151 -12.59 5.50 24.65
CA LYS A 151 -13.33 6.50 23.86
C LYS A 151 -14.80 6.19 23.72
N LEU A 152 -15.19 4.94 24.00
CA LEU A 152 -16.59 4.56 23.98
C LEU A 152 -17.30 4.92 25.32
N ARG A 153 -17.47 6.22 25.52
CA ARG A 153 -17.77 6.80 26.83
C ARG A 153 -19.15 6.51 27.31
N GLY A 154 -20.07 6.27 26.38
CA GLY A 154 -21.46 6.03 26.73
C GLY A 154 -21.86 4.59 26.97
N VAL A 155 -20.87 3.69 26.98
CA VAL A 155 -21.11 2.30 27.29
C VAL A 155 -20.05 1.85 28.30
N ASN A 156 -20.47 1.14 29.33
CA ASN A 156 -19.54 0.44 30.22
C ASN A 156 -19.62 -1.08 30.05
N LEU A 157 -18.61 -1.65 29.38
CA LEU A 157 -18.57 -3.08 29.10
C LEU A 157 -17.99 -3.91 30.23
N LEU A 158 -17.46 -3.27 31.26
CA LEU A 158 -16.72 -4.00 32.28
C LEU A 158 -17.57 -5.00 33.04
N PRO A 159 -18.79 -4.62 33.48
CA PRO A 159 -19.60 -5.61 34.19
C PRO A 159 -19.90 -6.85 33.35
N ALA A 160 -20.15 -6.67 32.06
CA ALA A 160 -20.33 -7.79 31.13
C ALA A 160 -19.08 -8.65 30.96
N LEU A 161 -17.92 -8.01 30.85
CA LEU A 161 -16.65 -8.73 30.79
C LEU A 161 -16.41 -9.56 32.03
N ALA A 162 -16.76 -9.00 33.21
CA ALA A 162 -16.59 -9.70 34.48
C ALA A 162 -17.59 -10.86 34.60
N TYR A 163 -18.81 -10.63 34.16
CA TYR A 163 -19.81 -11.68 34.13
C TYR A 163 -19.35 -12.91 33.31
N ALA A 164 -18.82 -12.65 32.12
CA ALA A 164 -18.25 -13.66 31.26
C ALA A 164 -17.07 -14.36 31.92
N TYR A 165 -16.14 -13.55 32.41
CA TYR A 165 -14.96 -14.06 33.13
C TYR A 165 -15.37 -15.05 34.21
N ASP A 166 -16.30 -14.64 35.08
CA ASP A 166 -16.72 -15.50 36.19
C ASP A 166 -17.67 -16.65 35.78
N ASN A 167 -18.48 -16.44 34.73
CA ASN A 167 -19.61 -17.37 34.45
C ASN A 167 -19.71 -18.01 33.04
N LEU A 168 -19.10 -17.40 32.03
CA LEU A 168 -19.18 -17.90 30.65
C LEU A 168 -17.86 -18.59 30.34
N LYS A 169 -17.88 -19.91 30.54
CA LYS A 169 -16.68 -20.75 30.49
C LYS A 169 -16.23 -21.11 29.10
N ARG A 170 -17.09 -20.89 28.10
CA ARG A 170 -16.71 -21.06 26.69
C ARG A 170 -16.45 -19.74 25.97
N ILE A 171 -16.37 -18.63 26.69
CA ILE A 171 -16.05 -17.33 26.09
C ILE A 171 -14.63 -16.99 26.53
N LYS A 172 -13.74 -16.82 25.54
CA LYS A 172 -12.33 -16.51 25.75
C LYS A 172 -11.97 -15.22 25.03
N PHE A 173 -11.59 -14.18 25.79
CA PHE A 173 -11.23 -12.90 25.22
C PHE A 173 -9.76 -12.82 24.93
N ILE A 174 -9.44 -12.16 23.82
CA ILE A 174 -8.09 -11.76 23.56
C ILE A 174 -8.10 -10.25 23.37
N MSE A 175 -7.37 -9.55 24.23
CA MSE A 175 -7.34 -8.08 24.18
C MSE A 175 -5.91 -7.62 24.01
O MSE A 175 -5.06 -7.89 24.87
CB MSE A 175 -7.91 -7.48 25.48
CG MSE A 175 -9.25 -8.07 25.87
SE MSE A 175 -10.17 -7.22 27.35
CE MSE A 175 -11.65 -8.37 27.32
N SER A 176 -5.68 -6.86 22.96
CA SER A 176 -4.34 -6.36 22.69
C SER A 176 -4.27 -4.87 22.93
N GLY A 177 -3.09 -4.37 23.23
CA GLY A 177 -2.92 -2.93 23.28
C GLY A 177 -1.52 -2.46 23.06
N SER A 178 -1.37 -1.49 22.17
CA SER A 178 -0.08 -0.88 21.90
C SER A 178 0.30 0.15 22.95
N GLU A 179 -0.68 0.58 23.76
CA GLU A 179 -0.51 1.63 24.76
C GLU A 179 -0.79 0.91 26.09
N MSE A 180 0.25 0.35 26.69
CA MSE A 180 0.07 -0.58 27.81
C MSE A 180 -0.66 0.02 28.99
O MSE A 180 -1.60 -0.55 29.50
CB MSE A 180 1.42 -1.09 28.28
CG MSE A 180 1.34 -2.32 29.20
SE MSE A 180 3.15 -2.73 29.84
CE MSE A 180 4.09 -0.98 29.79
N GLY A 181 -0.21 1.19 29.43
CA GLY A 181 -0.80 1.84 30.59
C GLY A 181 -2.27 2.15 30.35
N LEU A 182 -2.62 2.59 29.14
CA LEU A 182 -3.99 2.95 28.83
C LEU A 182 -4.89 1.73 28.84
N LEU A 183 -4.35 0.60 28.37
CA LEU A 183 -5.08 -0.70 28.42
C LEU A 183 -5.40 -1.14 29.85
N TYR A 184 -4.39 -1.09 30.74
CA TYR A 184 -4.64 -1.36 32.15
C TYR A 184 -5.65 -0.40 32.80
N ASP A 185 -5.53 0.90 32.50
CA ASP A 185 -6.47 1.91 32.96
C ASP A 185 -7.88 1.59 32.46
N TYR A 186 -7.98 1.21 31.21
CA TYR A 186 -9.30 0.83 30.64
C TYR A 186 -10.03 -0.27 31.45
N LEU A 187 -9.27 -1.28 31.86
CA LEU A 187 -9.74 -2.46 32.56
C LEU A 187 -9.83 -2.20 34.09
N ARG A 188 -9.40 -1.00 34.50
CA ARG A 188 -9.52 -0.48 35.86
CA ARG A 188 -9.51 -0.47 35.86
C ARG A 188 -8.87 -1.42 36.87
N VAL A 189 -7.75 -1.99 36.49
CA VAL A 189 -6.98 -2.91 37.33
C VAL A 189 -6.57 -2.32 38.66
N GLU A 190 -6.52 -0.99 38.72
CA GLU A 190 -6.16 -0.23 39.93
C GLU A 190 -7.30 0.05 40.90
N ASP A 191 -8.52 -0.31 40.55
CA ASP A 191 -9.69 0.11 41.29
C ASP A 191 -10.34 -1.10 41.97
N PRO A 192 -10.24 -1.16 43.32
CA PRO A 192 -10.80 -2.31 44.03
C PRO A 192 -12.29 -2.56 43.80
N GLU A 193 -13.04 -1.54 43.43
CA GLU A 193 -14.49 -1.68 43.27
CA GLU A 193 -14.49 -1.70 43.27
C GLU A 193 -14.91 -1.99 41.82
N SER A 194 -13.92 -2.09 40.93
CA SER A 194 -14.19 -2.38 39.54
C SER A 194 -14.43 -3.88 39.30
N PRO A 195 -15.23 -4.19 38.28
CA PRO A 195 -15.66 -5.56 37.99
C PRO A 195 -14.56 -6.58 37.74
N LEU A 196 -13.45 -6.18 37.12
CA LEU A 196 -12.32 -7.09 36.87
C LEU A 196 -11.21 -7.02 37.91
N PHE A 197 -11.37 -6.26 38.99
CA PHE A 197 -10.33 -6.17 39.99
C PHE A 197 -9.98 -7.55 40.56
N GLY A 198 -8.67 -7.85 40.66
CA GLY A 198 -8.21 -9.04 41.37
C GLY A 198 -8.24 -10.31 40.54
N ARG A 199 -8.65 -10.19 39.28
CA ARG A 199 -8.74 -11.33 38.37
C ARG A 199 -7.50 -11.39 37.50
N ALA A 200 -6.92 -12.57 37.34
CA ALA A 200 -5.66 -12.65 36.61
C ALA A 200 -5.90 -12.74 35.10
N PHE A 201 -5.06 -12.06 34.34
CA PHE A 201 -5.05 -12.14 32.89
C PHE A 201 -3.83 -12.91 32.45
N SER A 202 -4.01 -13.85 31.50
CA SER A 202 -2.90 -14.50 30.83
C SER A 202 -2.31 -13.45 29.88
N THR A 203 -1.03 -13.13 30.08
CA THR A 203 -0.40 -11.99 29.41
C THR A 203 0.79 -12.44 28.57
N VAL A 204 0.78 -12.02 27.32
CA VAL A 204 1.87 -12.22 26.35
C VAL A 204 2.36 -10.84 25.90
N GLU A 205 3.67 -10.59 25.96
CA GLU A 205 4.23 -9.31 25.52
C GLU A 205 5.20 -9.53 24.36
N LEU A 206 5.07 -8.72 23.30
CA LEU A 206 6.03 -8.74 22.21
C LEU A 206 7.00 -7.56 22.29
N LYS A 207 8.27 -7.90 22.49
CA LYS A 207 9.30 -6.87 22.62
C LYS A 207 9.90 -6.67 21.25
N PRO A 208 10.49 -5.50 21.00
CA PRO A 208 11.31 -5.31 19.83
C PRO A 208 12.33 -6.42 19.74
N PHE A 209 12.77 -6.73 18.52
CA PHE A 209 13.92 -7.61 18.37
C PHE A 209 15.18 -7.03 19.00
N SER A 210 15.93 -7.90 19.69
CA SER A 210 17.30 -7.61 20.04
C SER A 210 18.14 -7.57 18.74
N ARG A 211 19.41 -7.21 18.88
CA ARG A 211 20.34 -7.13 17.74
C ARG A 211 20.40 -8.45 17.01
N GLU A 212 20.50 -9.50 17.80
CA GLU A 212 20.71 -10.85 17.31
C GLU A 212 19.43 -11.41 16.67
N GLU A 213 18.28 -11.08 17.23
CA GLU A 213 16.98 -11.45 16.63
C GLU A 213 16.70 -10.71 15.33
N ALA A 214 16.99 -9.42 15.33
CA ALA A 214 16.76 -8.59 14.18
C ALA A 214 17.56 -9.10 13.00
N ILE A 215 18.83 -9.39 13.25
CA ILE A 215 19.75 -9.92 12.26
C ILE A 215 19.27 -11.28 11.76
N GLU A 216 18.87 -12.15 12.68
CA GLU A 216 18.35 -13.46 12.30
C GLU A 216 17.05 -13.35 11.48
N PHE A 217 16.21 -12.35 11.77
CA PHE A 217 14.95 -12.13 11.04
C PHE A 217 15.23 -11.78 9.57
N LEU A 218 16.14 -10.85 9.38
CA LEU A 218 16.51 -10.40 8.03
C LEU A 218 17.19 -11.52 7.26
N ARG A 219 18.16 -12.16 7.93
CA ARG A 219 18.87 -13.33 7.37
CA ARG A 219 18.88 -13.32 7.38
C ARG A 219 17.87 -14.35 6.86
N ARG A 220 16.89 -14.67 7.68
CA ARG A 220 15.87 -15.63 7.27
C ARG A 220 15.06 -15.17 6.04
N GLY A 221 14.72 -13.89 5.96
CA GLY A 221 13.89 -13.43 4.84
C GLY A 221 14.66 -13.34 3.55
N PHE A 222 15.94 -13.01 3.65
CA PHE A 222 16.82 -12.99 2.46
C PHE A 222 17.19 -14.37 1.93
N GLN A 223 17.49 -15.28 2.85
CA GLN A 223 17.72 -16.68 2.51
C GLN A 223 16.49 -17.27 1.80
N GLU A 224 15.31 -16.97 2.34
CA GLU A 224 14.06 -17.35 1.71
C GLU A 224 13.81 -16.73 0.31
N ALA A 225 14.13 -15.46 0.11
CA ALA A 225 14.07 -14.85 -1.24
C ALA A 225 15.15 -15.39 -2.18
N ASP A 226 16.16 -16.02 -1.59
CA ASP A 226 17.31 -16.56 -2.31
C ASP A 226 18.21 -15.48 -2.88
N ILE A 227 18.51 -14.46 -2.09
CA ILE A 227 19.38 -13.37 -2.50
C ILE A 227 20.45 -13.19 -1.45
N ASP A 228 21.61 -12.67 -1.85
CA ASP A 228 22.71 -12.45 -0.91
C ASP A 228 22.42 -11.20 -0.10
N PHE A 229 22.93 -11.15 1.14
CA PHE A 229 22.92 -9.92 1.90
C PHE A 229 24.08 -9.97 2.89
N LYS A 230 24.75 -8.84 3.09
CA LYS A 230 25.93 -8.76 3.97
C LYS A 230 25.79 -7.76 5.15
N ASP A 231 25.09 -6.66 4.90
CA ASP A 231 25.08 -5.50 5.79
C ASP A 231 24.06 -5.52 6.94
N TYR A 232 23.93 -6.63 7.64
CA TYR A 232 22.93 -6.74 8.67
C TYR A 232 23.13 -5.74 9.81
N GLU A 233 24.38 -5.45 10.17
CA GLU A 233 24.65 -4.61 11.35
C GLU A 233 24.26 -3.17 11.11
N VAL A 234 24.54 -2.65 9.93
CA VAL A 234 24.15 -1.28 9.62
C VAL A 234 22.62 -1.16 9.58
N VAL A 235 21.94 -2.21 9.14
CA VAL A 235 20.48 -2.15 9.09
C VAL A 235 19.97 -2.04 10.52
N TYR A 236 20.43 -2.90 11.43
CA TYR A 236 20.02 -2.79 12.84
C TYR A 236 20.38 -1.43 13.46
N GLU A 237 21.58 -0.92 13.19
CA GLU A 237 22.00 0.35 13.74
C GLU A 237 21.09 1.48 13.29
N LYS A 238 20.64 1.44 12.04
CA LYS A 238 19.87 2.55 11.44
C LYS A 238 18.35 2.45 11.69
N ILE A 239 17.82 1.23 11.64
CA ILE A 239 16.37 1.00 11.69
C ILE A 239 15.92 0.64 13.10
N GLY A 240 16.76 -0.13 13.81
CA GLY A 240 16.44 -0.60 15.15
C GLY A 240 15.68 -1.91 15.11
N GLY A 241 15.10 -2.27 16.26
CA GLY A 241 14.52 -3.60 16.46
C GLY A 241 13.03 -3.77 16.24
N ILE A 242 12.30 -2.71 15.96
CA ILE A 242 10.85 -2.85 15.77
C ILE A 242 10.56 -3.74 14.56
N PRO A 243 9.87 -4.88 14.77
CA PRO A 243 9.68 -5.80 13.64
C PRO A 243 9.05 -5.20 12.39
N GLY A 244 8.05 -4.36 12.59
CA GLY A 244 7.35 -3.72 11.48
C GLY A 244 8.25 -2.90 10.60
N TRP A 245 9.23 -2.21 11.17
CA TRP A 245 10.13 -1.39 10.35
C TRP A 245 11.15 -2.28 9.61
N LEU A 246 11.61 -3.33 10.27
CA LEU A 246 12.54 -4.27 9.66
C LEU A 246 11.90 -5.02 8.50
N THR A 247 10.62 -5.34 8.67
CA THR A 247 9.80 -5.97 7.63
C THR A 247 9.67 -5.10 6.37
N TYR A 248 9.32 -3.82 6.55
CA TYR A 248 9.22 -2.87 5.47
C TYR A 248 10.57 -2.74 4.74
N PHE A 249 11.66 -2.54 5.49
CA PHE A 249 13.01 -2.53 4.92
C PHE A 249 13.27 -3.76 4.08
N GLY A 250 12.95 -4.93 4.62
CA GLY A 250 13.20 -6.16 3.90
C GLY A 250 12.42 -6.18 2.60
N PHE A 251 11.18 -5.72 2.66
CA PHE A 251 10.35 -5.68 1.48
C PHE A 251 10.97 -4.74 0.43
N ILE A 252 11.31 -3.52 0.85
CA ILE A 252 11.86 -2.54 -0.07
C ILE A 252 13.18 -2.99 -0.65
N TYR A 253 14.06 -3.53 0.19
CA TYR A 253 15.35 -4.00 -0.33
C TYR A 253 15.18 -5.11 -1.36
N LEU A 254 14.23 -6.02 -1.14
CA LEU A 254 13.96 -7.06 -2.12
C LEU A 254 13.46 -6.46 -3.41
N ASP A 255 12.73 -5.38 -3.28
CA ASP A 255 12.12 -4.78 -4.44
C ASP A 255 13.11 -3.98 -5.25
N ASN A 256 14.09 -3.39 -4.59
CA ASN A 256 14.98 -2.51 -5.29
C ASN A 256 16.51 -2.87 -5.22
N LYS A 257 16.94 -3.62 -4.20
CA LYS A 257 18.34 -4.07 -4.06
C LYS A 257 19.38 -2.95 -3.92
N ASN A 258 18.96 -1.79 -3.45
CA ASN A 258 19.88 -0.70 -3.12
C ASN A 258 19.76 -0.46 -1.64
N LEU A 259 20.85 -0.67 -0.93
CA LEU A 259 20.83 -0.58 0.50
C LEU A 259 20.44 0.80 1.00
N ASP A 260 21.02 1.86 0.44
CA ASP A 260 20.78 3.20 0.95
C ASP A 260 19.39 3.67 0.63
N PHE A 261 18.92 3.33 -0.56
CA PHE A 261 17.54 3.60 -0.93
C PHE A 261 16.57 2.90 0.00
N ALA A 262 16.76 1.61 0.26
CA ALA A 262 15.84 0.85 1.15
C ALA A 262 15.82 1.37 2.59
N ILE A 263 16.97 1.75 3.11
CA ILE A 263 17.04 2.38 4.43
C ILE A 263 16.36 3.74 4.47
N ASN A 264 16.66 4.61 3.50
CA ASN A 264 16.10 5.94 3.49
CA ASN A 264 16.10 5.96 3.45
C ASN A 264 14.60 5.90 3.30
N GLN A 265 14.14 5.01 2.41
CA GLN A 265 12.69 4.88 2.22
C GLN A 265 11.98 4.40 3.50
N THR A 266 12.63 3.51 4.23
CA THR A 266 12.05 3.00 5.50
C THR A 266 11.99 4.09 6.55
N LEU A 267 13.11 4.77 6.72
CA LEU A 267 13.16 5.96 7.58
C LEU A 267 12.11 7.00 7.23
N GLU A 268 11.93 7.32 5.96
CA GLU A 268 10.96 8.36 5.60
C GLU A 268 9.52 7.90 5.84
N TYR A 269 9.23 6.62 5.53
CA TYR A 269 7.94 6.02 5.80
C TYR A 269 7.64 5.97 7.31
N ALA A 270 8.62 5.52 8.10
CA ALA A 270 8.50 5.53 9.56
C ALA A 270 8.20 6.91 10.10
N LYS A 271 8.95 7.91 9.66
CA LYS A 271 8.76 9.28 10.18
C LYS A 271 7.36 9.80 9.91
N LYS A 272 6.87 9.56 8.70
CA LYS A 272 5.52 9.99 8.31
C LYS A 272 4.48 9.30 9.17
N LEU A 273 4.61 7.98 9.28
CA LEU A 273 3.66 7.24 10.09
C LEU A 273 3.72 7.63 11.56
N ILE A 274 4.90 7.72 12.14
CA ILE A 274 5.03 8.14 13.54
C ILE A 274 4.39 9.51 13.82
N LEU A 275 4.64 10.48 12.96
CA LEU A 275 4.13 11.84 13.16
C LEU A 275 2.59 11.92 12.96
N LYS A 276 2.06 11.07 12.10
CA LYS A 276 0.62 10.96 11.97
C LYS A 276 -0.01 10.39 13.24
N GLU A 277 0.65 9.37 13.79
CA GLU A 277 0.25 8.78 15.07
C GLU A 277 0.40 9.78 16.22
N PHE A 278 1.37 10.68 16.15
CA PHE A 278 1.44 11.70 17.17
C PHE A 278 0.27 12.66 17.05
N GLU A 279 -0.17 12.93 15.83
CA GLU A 279 -1.36 13.77 15.61
C GLU A 279 -2.60 13.13 16.21
N ASN A 280 -2.75 11.81 16.06
CA ASN A 280 -3.80 11.09 16.77
C ASN A 280 -3.70 11.26 18.29
N PHE A 281 -2.50 11.16 18.84
CA PHE A 281 -2.28 11.45 20.25
C PHE A 281 -2.69 12.87 20.64
N LEU A 282 -2.43 13.85 19.78
CA LEU A 282 -2.66 15.26 20.12
C LEU A 282 -4.13 15.69 19.93
N HIS A 283 -4.92 14.79 19.35
CA HIS A 283 -6.33 14.98 19.15
C HIS A 283 -6.96 15.05 20.53
N GLY A 284 -7.67 16.15 20.79
CA GLY A 284 -8.24 16.41 22.13
C GLY A 284 -7.29 17.06 23.14
N ARG A 285 -6.04 17.32 22.72
CA ARG A 285 -5.05 18.00 23.58
C ARG A 285 -4.54 19.23 22.88
N GLU A 286 -5.37 19.89 22.09
CA GLU A 286 -4.90 21.00 21.26
C GLU A 286 -4.34 22.16 22.09
N ILE A 287 -4.84 22.31 23.32
CA ILE A 287 -4.30 23.31 24.24
C ILE A 287 -2.78 23.07 24.54
N ALA A 288 -2.39 21.82 24.79
CA ALA A 288 -0.99 21.51 25.19
C ALA A 288 -0.13 21.01 24.02
N ARG A 289 -0.59 21.30 22.81
CA ARG A 289 -0.04 20.72 21.61
C ARG A 289 1.44 21.10 21.35
N LYS A 290 1.71 22.40 21.31
CA LYS A 290 3.08 22.92 21.18
C LYS A 290 4.01 22.39 22.29
N ARG A 291 3.46 22.25 23.49
CA ARG A 291 4.21 21.74 24.61
C ARG A 291 4.62 20.29 24.41
N TYR A 292 3.68 19.46 23.99
CA TYR A 292 4.00 18.06 23.67
C TYR A 292 5.08 17.93 22.57
N LEU A 293 4.95 18.68 21.48
CA LEU A 293 5.99 18.71 20.43
C LEU A 293 7.35 19.06 21.02
N ASN A 294 7.35 20.03 21.92
CA ASN A 294 8.57 20.49 22.57
C ASN A 294 9.20 19.38 23.42
N ILE A 295 8.36 18.72 24.22
CA ILE A 295 8.82 17.61 25.08
C ILE A 295 9.47 16.50 24.27
N MSE A 296 8.88 16.15 23.12
CA MSE A 296 9.37 15.01 22.34
C MSE A 296 10.68 15.31 21.63
O MSE A 296 11.58 14.47 21.55
CB MSE A 296 8.32 14.55 21.31
CG MSE A 296 7.12 13.90 21.93
SE MSE A 296 7.54 12.33 23.05
CE MSE A 296 8.38 11.25 21.77
N ARG A 297 10.78 16.52 21.09
CA ARG A 297 12.03 17.01 20.55
C ARG A 297 13.10 17.03 21.63
N THR A 298 12.72 17.51 22.81
CA THR A 298 13.65 17.58 23.95
C THR A 298 14.15 16.18 24.33
N LEU A 299 13.23 15.22 24.36
CA LEU A 299 13.57 13.87 24.79
C LEU A 299 14.09 12.96 23.66
N SER A 300 14.23 13.47 22.44
CA SER A 300 14.72 12.67 21.31
C SER A 300 16.02 11.94 21.62
N LYS A 301 17.01 12.65 22.16
CA LYS A 301 18.29 12.03 22.57
C LYS A 301 18.25 11.68 24.05
N CYS A 302 17.03 11.57 24.59
CA CYS A 302 16.74 11.36 26.02
C CYS A 302 17.07 12.57 26.85
N GLY A 303 16.49 12.61 28.03
CA GLY A 303 16.69 13.72 28.96
C GLY A 303 16.01 13.51 30.29
N LYS A 304 16.30 14.40 31.24
CA LYS A 304 15.69 14.35 32.57
C LYS A 304 14.59 15.41 32.67
N TRP A 305 13.79 15.32 33.73
CA TRP A 305 12.79 16.34 34.09
C TRP A 305 13.30 17.77 33.93
N SER A 306 14.48 18.04 34.49
CA SER A 306 15.10 19.37 34.38
C SER A 306 15.20 19.82 32.91
N ASP A 307 15.56 18.88 32.02
CA ASP A 307 15.71 19.20 30.60
C ASP A 307 14.34 19.54 29.96
N VAL A 308 13.32 18.77 30.34
CA VAL A 308 11.94 18.99 29.89
C VAL A 308 11.47 20.38 30.40
N LYS A 309 11.61 20.60 31.69
CA LYS A 309 11.24 21.89 32.28
C LYS A 309 11.94 23.04 31.56
N ARG A 310 13.25 22.93 31.42
CA ARG A 310 14.07 24.02 30.88
C ARG A 310 13.62 24.38 29.46
N ALA A 311 13.46 23.35 28.63
CA ALA A 311 13.05 23.53 27.22
C ALA A 311 11.65 24.11 27.07
N LEU A 312 10.74 23.77 27.97
CA LEU A 312 9.37 24.30 27.90
C LEU A 312 9.39 25.78 28.27
N GLU A 313 10.05 26.08 29.38
CA GLU A 313 10.15 27.45 29.86
C GLU A 313 10.97 28.30 28.89
N LEU A 314 11.99 27.73 28.28
CA LEU A 314 12.77 28.46 27.27
C LEU A 314 11.90 28.89 26.09
N GLU A 315 11.01 27.99 25.64
CA GLU A 315 10.17 28.28 24.47
C GLU A 315 9.08 29.31 24.77
N GLU A 316 8.48 29.21 25.96
CA GLU A 316 7.32 30.04 26.32
C GLU A 316 7.66 31.23 27.22
N GLY A 317 8.84 31.19 27.85
CA GLY A 317 9.31 32.30 28.70
C GLY A 317 8.78 32.25 30.12
N ILE A 318 7.57 31.71 30.29
CA ILE A 318 6.90 31.66 31.58
C ILE A 318 7.45 30.53 32.42
N GLU A 319 7.28 30.61 33.74
CA GLU A 319 7.52 29.48 34.61
C GLU A 319 6.38 28.50 34.40
N ILE A 320 6.68 27.21 34.49
CA ILE A 320 5.67 26.15 34.30
C ILE A 320 5.67 25.22 35.52
N SER A 321 4.48 24.87 36.00
CA SER A 321 4.37 24.15 37.26
C SER A 321 4.84 22.72 37.12
N ASP A 322 5.09 22.08 38.26
CA ASP A 322 5.44 20.66 38.28
C ASP A 322 4.23 19.76 38.02
N SER A 323 3.02 20.27 38.26
CA SER A 323 1.78 19.52 38.04
C SER A 323 1.52 19.35 36.55
N GLU A 324 1.71 20.43 35.81
CA GLU A 324 1.54 20.42 34.37
C GLU A 324 2.56 19.45 33.74
N ILE A 325 3.82 19.62 34.12
CA ILE A 325 4.93 18.79 33.61
C ILE A 325 4.68 17.28 33.86
N TYR A 326 4.30 16.95 35.09
CA TYR A 326 3.99 15.59 35.49
C TYR A 326 2.89 15.00 34.61
N ASN A 327 1.84 15.78 34.37
CA ASN A 327 0.71 15.33 33.57
C ASN A 327 1.10 15.06 32.11
N TYR A 328 1.92 15.93 31.52
CA TYR A 328 2.38 15.73 30.14
C TYR A 328 3.23 14.45 30.00
N LEU A 329 4.18 14.26 30.91
CA LEU A 329 4.99 13.04 30.87
C LEU A 329 4.20 11.80 31.19
N THR A 330 3.26 11.88 32.12
CA THR A 330 2.37 10.74 32.43
C THR A 330 1.53 10.31 31.25
N GLN A 331 0.98 11.28 30.52
CA GLN A 331 0.20 10.96 29.35
C GLN A 331 1.07 10.26 28.28
N LEU A 332 2.25 10.82 28.04
CA LEU A 332 3.20 10.28 27.04
C LEU A 332 3.60 8.85 27.40
N THR A 333 3.86 8.63 28.69
CA THR A 333 4.20 7.28 29.17
C THR A 333 3.03 6.30 29.05
N LYS A 334 1.81 6.75 29.37
CA LYS A 334 0.62 5.88 29.30
C LYS A 334 0.33 5.47 27.87
N HIS A 335 0.62 6.36 26.92
CA HIS A 335 0.35 6.15 25.53
C HIS A 335 1.60 5.58 24.80
N SER A 336 2.65 5.27 25.57
CA SER A 336 3.83 4.52 25.10
C SER A 336 4.70 5.30 24.11
N TRP A 337 4.73 6.63 24.26
CA TRP A 337 5.61 7.46 23.43
C TRP A 337 7.00 7.48 23.99
N ILE A 338 7.05 7.52 25.32
CA ILE A 338 8.30 7.47 26.07
C ILE A 338 8.28 6.38 27.15
N ILE A 339 9.47 6.06 27.66
CA ILE A 339 9.66 5.12 28.76
C ILE A 339 10.68 5.77 29.71
N LYS A 340 10.44 5.67 31.01
CA LYS A 340 11.37 6.23 31.98
C LYS A 340 12.26 5.11 32.53
N GLU A 341 13.58 5.30 32.41
CA GLU A 341 14.53 4.28 32.86
C GLU A 341 14.91 4.53 34.33
N GLY A 342 15.67 5.60 34.59
CA GLY A 342 15.93 6.03 35.96
C GLY A 342 15.28 7.39 36.13
N GLU A 343 16.10 8.43 36.01
CA GLU A 343 15.63 9.82 35.89
C GLU A 343 15.61 10.20 34.39
N LYS A 344 15.89 9.22 33.53
CA LYS A 344 16.01 9.43 32.10
C LYS A 344 14.69 8.99 31.46
N TYR A 345 14.12 9.85 30.61
CA TYR A 345 12.99 9.49 29.76
C TYR A 345 13.53 9.32 28.34
N CYS A 346 13.13 8.23 27.69
CA CYS A 346 13.57 7.93 26.34
C CYS A 346 12.38 7.63 25.46
N PRO A 347 12.45 8.01 24.16
CA PRO A 347 11.45 7.55 23.21
C PRO A 347 11.41 6.04 23.26
N SER A 348 10.24 5.45 23.07
CA SER A 348 10.07 4.04 23.31
C SER A 348 10.73 3.14 22.24
N GLU A 349 11.12 3.70 21.10
CA GLU A 349 11.95 3.01 20.11
C GLU A 349 12.72 4.05 19.23
N PRO A 350 13.82 3.63 18.59
CA PRO A 350 14.75 4.52 17.92
C PRO A 350 14.16 5.42 16.85
N LEU A 351 13.18 4.94 16.10
CA LEU A 351 12.66 5.80 15.06
C LEU A 351 11.70 6.89 15.57
N ILE A 352 11.19 6.73 16.79
CA ILE A 352 10.50 7.85 17.44
C ILE A 352 11.51 8.96 17.82
N SER A 353 12.70 8.58 18.28
CA SER A 353 13.77 9.58 18.46
C SER A 353 14.01 10.29 17.16
N LEU A 354 14.21 9.50 16.10
CA LEU A 354 14.52 10.05 14.81
C LEU A 354 13.44 11.03 14.35
N ALA A 355 12.17 10.64 14.49
CA ALA A 355 11.05 11.42 14.00
C ALA A 355 11.00 12.80 14.61
N PHE A 356 11.49 12.96 15.84
CA PHE A 356 11.48 14.26 16.51
C PHE A 356 12.87 14.90 16.57
N SER A 357 13.78 14.48 15.69
CA SER A 357 15.19 14.89 15.73
C SER A 357 15.45 16.07 14.83
N GLY B 1 5.43 -12.83 -35.46
CA GLY B 1 6.14 -14.00 -34.86
C GLY B 1 7.65 -13.81 -34.83
N MSE B 2 8.09 -12.55 -34.87
CA MSE B 2 9.51 -12.24 -34.89
C MSE B 2 9.85 -11.08 -34.01
O MSE B 2 9.01 -10.26 -33.64
CB MSE B 2 9.94 -11.85 -36.29
CG MSE B 2 9.98 -12.98 -37.29
SE MSE B 2 9.21 -12.28 -38.93
CE MSE B 2 10.27 -10.63 -39.12
N LEU B 3 11.14 -10.97 -33.72
CA LEU B 3 11.64 -9.99 -32.76
C LEU B 3 11.27 -8.54 -33.07
N PHE B 4 11.21 -8.17 -34.35
CA PHE B 4 10.96 -6.79 -34.72
C PHE B 4 9.48 -6.47 -35.00
N ASP B 5 8.55 -7.35 -34.59
CA ASP B 5 7.13 -7.01 -34.64
C ASP B 5 6.85 -5.68 -33.91
N THR B 6 6.13 -4.77 -34.59
CA THR B 6 5.91 -3.43 -34.05
C THR B 6 4.72 -3.34 -33.08
N SER B 7 4.10 -4.46 -32.77
CA SER B 7 3.06 -4.54 -31.72
CA SER B 7 3.06 -4.54 -31.72
C SER B 7 3.65 -5.11 -30.43
N PRO B 8 2.96 -4.89 -29.29
CA PRO B 8 3.45 -5.55 -28.11
C PRO B 8 3.54 -7.07 -28.35
N LYS B 9 4.60 -7.66 -27.85
CA LYS B 9 4.80 -9.09 -27.91
C LYS B 9 3.86 -9.79 -26.92
N ASP B 10 3.52 -11.05 -27.22
CA ASP B 10 2.70 -11.85 -26.34
C ASP B 10 3.28 -13.22 -26.06
N ASN B 11 4.52 -13.45 -26.49
CA ASN B 11 5.21 -14.72 -26.32
C ASN B 11 6.69 -14.40 -26.05
N ARG B 12 7.26 -15.07 -25.04
CA ARG B 12 8.65 -14.86 -24.66
C ARG B 12 9.61 -15.19 -25.82
N LYS B 13 9.18 -16.10 -26.71
CA LYS B 13 10.01 -16.53 -27.83
C LYS B 13 10.31 -15.38 -28.79
N ASP B 14 9.43 -14.37 -28.82
CA ASP B 14 9.62 -13.17 -29.68
C ASP B 14 10.17 -11.97 -28.91
N PHE B 15 10.74 -12.18 -27.72
CA PHE B 15 11.05 -11.06 -26.83
C PHE B 15 12.46 -11.14 -26.33
N PHE B 16 13.21 -10.06 -26.51
CA PHE B 16 14.61 -9.99 -26.09
C PHE B 16 14.77 -9.80 -24.56
N ASP B 17 15.39 -10.77 -23.90
CA ASP B 17 15.78 -10.63 -22.50
C ASP B 17 14.60 -10.19 -21.59
N ARG B 18 14.84 -9.17 -20.78
CA ARG B 18 13.99 -8.80 -19.64
C ARG B 18 13.57 -9.97 -18.75
N GLU B 19 14.35 -11.03 -18.76
CA GLU B 19 13.99 -12.25 -18.05
C GLU B 19 13.66 -11.99 -16.59
N LYS B 20 14.50 -11.18 -15.95
CA LYS B 20 14.38 -10.84 -14.52
C LYS B 20 13.11 -10.06 -14.25
N GLU B 21 12.78 -9.14 -15.17
CA GLU B 21 11.59 -8.32 -15.06
C GLU B 21 10.34 -9.18 -15.26
N ILE B 22 10.38 -10.10 -16.22
CA ILE B 22 9.23 -11.01 -16.45
C ILE B 22 9.07 -11.97 -15.27
N GLU B 23 10.20 -12.50 -14.75
CA GLU B 23 10.15 -13.40 -13.59
C GLU B 23 9.62 -12.70 -12.31
N LYS B 24 10.08 -11.49 -12.04
CA LYS B 24 9.50 -10.66 -10.97
C LYS B 24 7.99 -10.36 -11.15
N LEU B 25 7.60 -9.94 -12.34
CA LEU B 25 6.19 -9.65 -12.59
C LEU B 25 5.39 -10.91 -12.27
N LYS B 26 5.87 -12.05 -12.79
CA LYS B 26 5.18 -13.33 -12.62
C LYS B 26 5.13 -13.75 -11.16
N GLY B 27 6.07 -13.26 -10.36
CA GLY B 27 6.07 -13.54 -8.95
C GLY B 27 4.81 -13.08 -8.25
N LEU B 28 4.24 -11.97 -8.71
CA LEU B 28 3.12 -11.32 -8.03
C LEU B 28 3.45 -11.25 -6.56
N ARG B 29 4.45 -10.45 -6.22
CA ARG B 29 5.09 -10.53 -4.90
C ARG B 29 4.36 -9.66 -3.88
N ALA B 30 3.42 -8.85 -4.36
CA ALA B 30 2.51 -8.08 -3.49
C ALA B 30 1.16 -8.06 -4.15
N PRO B 31 0.10 -7.73 -3.39
CA PRO B 31 -1.22 -7.59 -3.99
C PRO B 31 -1.26 -6.63 -5.17
N ILE B 32 -0.43 -5.59 -5.12
CA ILE B 32 -0.30 -4.66 -6.22
C ILE B 32 1.15 -4.67 -6.71
N THR B 33 1.29 -4.92 -8.02
CA THR B 33 2.56 -4.88 -8.72
C THR B 33 2.47 -3.73 -9.69
N LEU B 34 3.39 -2.77 -9.60
CA LEU B 34 3.49 -1.68 -10.57
C LEU B 34 4.50 -2.06 -11.68
N VAL B 35 4.15 -1.76 -12.93
CA VAL B 35 5.07 -1.90 -14.05
C VAL B 35 5.34 -0.49 -14.60
N LEU B 36 6.55 -0.01 -14.36
CA LEU B 36 6.91 1.37 -14.65
C LEU B 36 7.97 1.46 -15.76
N GLY B 37 7.91 2.53 -16.56
CA GLY B 37 8.89 2.78 -17.58
C GLY B 37 8.29 3.70 -18.64
N LEU B 38 9.16 4.39 -19.34
CA LEU B 38 8.74 5.27 -20.42
C LEU B 38 7.95 4.51 -21.46
N ARG B 39 7.17 5.26 -22.22
CA ARG B 39 6.51 4.72 -23.37
C ARG B 39 7.52 3.96 -24.23
N ARG B 40 7.09 2.82 -24.72
CA ARG B 40 7.81 1.92 -25.60
C ARG B 40 8.99 1.16 -25.01
N THR B 41 8.99 0.90 -23.69
CA THR B 41 10.07 0.14 -23.02
C THR B 41 9.71 -1.33 -22.79
N GLY B 42 8.53 -1.71 -23.26
CA GLY B 42 8.08 -3.11 -23.23
C GLY B 42 7.16 -3.48 -22.07
N LYS B 43 6.46 -2.50 -21.50
CA LYS B 43 5.55 -2.76 -20.36
C LYS B 43 4.37 -3.66 -20.72
N SER B 44 3.66 -3.30 -21.77
CA SER B 44 2.50 -4.11 -22.20
C SER B 44 2.92 -5.50 -22.60
N SER B 45 4.04 -5.57 -23.33
CA SER B 45 4.64 -6.81 -23.77
C SER B 45 4.92 -7.74 -22.59
N ILE B 46 5.63 -7.29 -21.56
CA ILE B 46 5.95 -8.21 -20.44
C ILE B 46 4.71 -8.63 -19.62
N ILE B 47 3.74 -7.72 -19.51
CA ILE B 47 2.46 -8.04 -18.90
C ILE B 47 1.76 -9.11 -19.70
N LYS B 48 1.68 -8.95 -21.02
CA LYS B 48 1.07 -9.96 -21.90
C LYS B 48 1.73 -11.35 -21.85
N ILE B 49 3.05 -11.36 -21.87
CA ILE B 49 3.88 -12.57 -21.76
C ILE B 49 3.68 -13.23 -20.39
N GLY B 50 3.72 -12.44 -19.32
CA GLY B 50 3.53 -12.95 -17.98
C GLY B 50 2.18 -13.60 -17.75
N ILE B 51 1.10 -12.95 -18.20
CA ILE B 51 -0.23 -13.49 -17.94
C ILE B 51 -0.51 -14.74 -18.79
N ASN B 52 0.02 -14.75 -20.03
CA ASN B 52 -0.02 -15.94 -20.91
C ASN B 52 0.73 -17.14 -20.35
N GLU B 53 1.92 -16.88 -19.80
CA GLU B 53 2.71 -17.93 -19.12
C GLU B 53 2.13 -18.44 -17.78
N LEU B 54 1.60 -17.54 -16.98
CA LEU B 54 0.95 -17.96 -15.73
C LEU B 54 -0.31 -18.76 -16.00
N ASN B 55 -1.02 -18.40 -17.06
CA ASN B 55 -2.29 -19.04 -17.40
C ASN B 55 -3.30 -18.95 -16.26
N LEU B 56 -3.39 -17.79 -15.62
CA LEU B 56 -4.41 -17.57 -14.60
C LEU B 56 -5.56 -16.79 -15.22
N PRO B 57 -6.73 -16.84 -14.57
CA PRO B 57 -7.85 -16.05 -15.03
C PRO B 57 -7.50 -14.57 -14.86
N TYR B 58 -7.90 -13.74 -15.81
CA TYR B 58 -7.55 -12.33 -15.71
C TYR B 58 -8.57 -11.38 -16.35
N ILE B 59 -8.43 -10.12 -16.00
CA ILE B 59 -9.17 -9.00 -16.58
C ILE B 59 -8.08 -8.04 -17.03
N TYR B 60 -8.17 -7.53 -18.25
CA TYR B 60 -7.17 -6.61 -18.80
C TYR B 60 -7.86 -5.36 -19.32
N LEU B 61 -7.68 -4.25 -18.61
CA LEU B 61 -8.21 -2.97 -19.00
C LEU B 61 -7.06 -2.25 -19.66
N ASP B 62 -7.21 -2.08 -20.97
CA ASP B 62 -6.27 -1.45 -21.84
C ASP B 62 -6.62 0.04 -21.96
N LEU B 63 -6.14 0.82 -21.00
CA LEU B 63 -6.60 2.20 -20.83
C LEU B 63 -5.94 3.18 -21.80
N ARG B 64 -4.99 2.70 -22.61
CA ARG B 64 -4.33 3.57 -23.56
C ARG B 64 -5.33 4.09 -24.58
N LYS B 65 -6.45 3.40 -24.73
CA LYS B 65 -7.49 3.89 -25.63
C LYS B 65 -8.14 5.19 -25.20
N PHE B 66 -7.89 5.67 -23.97
CA PHE B 66 -8.44 6.94 -23.52
C PHE B 66 -7.39 8.03 -23.53
N GLU B 67 -6.24 7.78 -24.12
CA GLU B 67 -5.10 8.69 -23.98
C GLU B 67 -5.35 10.01 -24.68
N GLU B 68 -6.21 10.00 -25.72
CA GLU B 68 -6.59 11.22 -26.46
C GLU B 68 -7.70 12.04 -25.81
N ARG B 69 -8.40 11.47 -24.82
CA ARG B 69 -9.46 12.17 -24.10
C ARG B 69 -8.91 12.81 -22.85
N ASN B 70 -9.66 13.79 -22.34
CA ASN B 70 -9.30 14.48 -21.11
C ASN B 70 -10.20 14.06 -19.96
N TYR B 71 -11.18 13.21 -20.26
CA TYR B 71 -12.19 12.80 -19.34
C TYR B 71 -12.64 11.43 -19.77
N ILE B 72 -12.90 10.58 -18.79
CA ILE B 72 -13.44 9.25 -19.03
C ILE B 72 -14.72 9.15 -18.26
N SER B 73 -15.82 8.81 -18.94
CA SER B 73 -17.07 8.72 -18.29
C SER B 73 -17.16 7.37 -17.61
N TYR B 74 -17.95 7.33 -16.56
CA TYR B 74 -18.22 6.13 -15.80
C TYR B 74 -18.87 5.10 -16.71
N LYS B 75 -19.70 5.58 -17.64
CA LYS B 75 -20.32 4.71 -18.65
C LYS B 75 -19.26 4.02 -19.53
N ASP B 76 -18.25 4.78 -19.96
CA ASP B 76 -17.23 4.21 -20.85
C ASP B 76 -16.30 3.28 -20.09
N PHE B 77 -16.02 3.60 -18.83
CA PHE B 77 -15.30 2.70 -17.96
C PHE B 77 -16.08 1.38 -17.84
N LEU B 78 -17.37 1.46 -17.55
CA LEU B 78 -18.20 0.26 -17.39
C LEU B 78 -18.25 -0.63 -18.62
N LEU B 79 -18.35 -0.03 -19.80
CA LEU B 79 -18.34 -0.81 -21.05
C LEU B 79 -17.04 -1.61 -21.22
N GLU B 80 -15.90 -0.99 -20.89
CA GLU B 80 -14.61 -1.66 -20.90
C GLU B 80 -14.60 -2.82 -19.92
N LEU B 81 -15.10 -2.57 -18.72
CA LEU B 81 -15.07 -3.56 -17.66
C LEU B 81 -15.94 -4.77 -18.04
N GLN B 82 -17.11 -4.44 -18.57
CA GLN B 82 -18.10 -5.42 -19.00
C GLN B 82 -17.52 -6.39 -20.02
N LYS B 83 -16.85 -5.85 -21.01
CA LYS B 83 -16.18 -6.62 -22.05
C LYS B 83 -15.21 -7.67 -21.50
N GLU B 84 -14.45 -7.26 -20.49
CA GLU B 84 -13.50 -8.15 -19.83
C GLU B 84 -14.14 -9.16 -18.91
N ILE B 85 -15.18 -8.76 -18.19
CA ILE B 85 -15.87 -9.69 -17.32
C ILE B 85 -16.51 -10.77 -18.18
N ASN B 86 -17.04 -10.39 -19.34
CA ASN B 86 -17.65 -11.34 -20.28
C ASN B 86 -16.63 -12.34 -20.87
N LYS B 87 -15.36 -11.99 -20.89
CA LYS B 87 -14.33 -12.99 -21.25
C LYS B 87 -14.03 -13.87 -20.05
N LEU B 88 -13.94 -13.25 -18.86
CA LEU B 88 -13.63 -13.98 -17.62
C LEU B 88 -14.66 -15.06 -17.25
N VAL B 89 -15.93 -14.83 -17.57
CA VAL B 89 -17.00 -15.82 -17.29
C VAL B 89 -16.88 -17.12 -18.11
N LYS B 90 -16.31 -17.01 -19.30
CA LYS B 90 -15.98 -18.19 -20.12
C LYS B 90 -14.89 -19.03 -19.44
N ARG B 91 -14.01 -18.37 -18.68
CA ARG B 91 -12.96 -18.99 -17.88
C ARG B 91 -13.42 -19.45 -16.48
N LEU B 92 -14.33 -18.70 -15.85
CA LEU B 92 -14.79 -19.04 -14.50
C LEU B 92 -16.30 -19.32 -14.53
N PRO B 93 -16.69 -20.55 -14.89
CA PRO B 93 -18.11 -20.84 -15.13
C PRO B 93 -19.03 -20.42 -13.97
N SER B 94 -18.60 -20.65 -12.74
CA SER B 94 -19.41 -20.32 -11.57
C SER B 94 -19.53 -18.82 -11.31
N LEU B 95 -18.69 -18.01 -11.96
CA LEU B 95 -18.75 -16.56 -11.80
C LEU B 95 -20.13 -16.01 -12.15
N LEU B 96 -20.64 -16.36 -13.32
CA LEU B 96 -21.95 -15.88 -13.79
C LEU B 96 -22.98 -15.98 -12.67
N LYS B 97 -23.09 -17.16 -12.06
CA LYS B 97 -24.02 -17.39 -10.93
C LYS B 97 -23.79 -16.40 -9.78
N ALA B 98 -22.52 -16.13 -9.47
CA ALA B 98 -22.16 -15.19 -8.40
C ALA B 98 -22.62 -13.77 -8.71
N LEU B 99 -22.47 -13.37 -9.97
CA LEU B 99 -22.81 -12.03 -10.41
C LEU B 99 -24.33 -11.83 -10.47
N LYS B 100 -25.08 -12.93 -10.56
CA LYS B 100 -26.55 -12.87 -10.61
C LYS B 100 -27.13 -12.01 -9.49
N ASN B 101 -26.57 -12.14 -8.28
CA ASN B 101 -27.04 -11.41 -7.11
C ASN B 101 -26.02 -10.36 -6.64
N ILE B 102 -25.66 -9.43 -7.54
CA ILE B 102 -25.03 -8.17 -7.13
C ILE B 102 -25.69 -6.95 -7.80
N GLN B 103 -25.59 -5.82 -7.10
CA GLN B 103 -26.33 -4.61 -7.46
C GLN B 103 -25.70 -3.90 -8.64
N GLY B 104 -26.46 -3.75 -9.72
CA GLY B 104 -25.99 -3.08 -10.93
C GLY B 104 -25.65 -4.02 -12.08
N ILE B 105 -25.84 -5.33 -11.86
CA ILE B 105 -25.50 -6.36 -12.84
C ILE B 105 -26.74 -7.11 -13.31
N VAL B 106 -26.90 -7.20 -14.63
CA VAL B 106 -27.98 -7.94 -15.26
C VAL B 106 -27.35 -9.08 -16.05
N ILE B 107 -27.81 -10.30 -15.81
CA ILE B 107 -27.33 -11.47 -16.55
C ILE B 107 -28.18 -11.60 -17.81
N MSE B 108 -27.55 -12.03 -18.90
CA MSE B 108 -28.18 -12.10 -20.20
C MSE B 108 -27.63 -13.27 -21.01
O MSE B 108 -26.72 -13.10 -21.83
CB MSE B 108 -27.95 -10.78 -20.93
CG MSE B 108 -29.02 -10.45 -21.93
SE MSE B 108 -29.63 -8.66 -21.48
CE MSE B 108 -31.27 -9.17 -20.39
N GLY B 109 -28.21 -14.44 -20.79
CA GLY B 109 -27.64 -15.68 -21.32
C GLY B 109 -26.30 -15.91 -20.68
N ASN B 110 -25.24 -15.95 -21.49
CA ASN B 110 -23.89 -16.13 -20.98
C ASN B 110 -23.11 -14.81 -20.71
N GLU B 111 -23.75 -13.67 -20.94
CA GLU B 111 -23.13 -12.36 -20.74
C GLU B 111 -23.81 -11.56 -19.61
N ILE B 112 -23.07 -10.61 -19.04
CA ILE B 112 -23.62 -9.67 -18.08
C ILE B 112 -23.61 -8.27 -18.68
N LYS B 113 -24.43 -7.38 -18.12
CA LYS B 113 -24.45 -5.97 -18.50
C LYS B 113 -24.63 -5.12 -17.25
N PHE B 114 -24.01 -3.93 -17.26
CA PHE B 114 -24.02 -3.00 -16.12
C PHE B 114 -25.10 -1.92 -16.29
N ASN B 115 -25.20 -1.00 -15.32
CA ASN B 115 -26.19 0.09 -15.36
C ASN B 115 -25.75 1.35 -14.62
N ARG B 121 -24.92 2.60 -7.25
CA ARG B 121 -24.01 2.06 -8.26
C ARG B 121 -23.28 0.77 -7.81
N LEU B 122 -22.65 0.13 -8.78
CA LEU B 122 -21.94 -1.14 -8.59
C LEU B 122 -20.69 -0.99 -7.72
N SER B 123 -20.49 -1.96 -6.81
CA SER B 123 -19.34 -1.98 -5.90
C SER B 123 -18.14 -2.72 -6.50
N PHE B 124 -17.04 -2.01 -6.66
CA PHE B 124 -15.83 -2.61 -7.24
C PHE B 124 -15.24 -3.69 -6.30
N ALA B 125 -15.32 -3.47 -4.98
CA ALA B 125 -14.81 -4.44 -4.02
C ALA B 125 -15.66 -5.74 -3.99
N ASN B 126 -16.97 -5.61 -4.20
CA ASN B 126 -17.86 -6.78 -4.26
C ASN B 126 -17.63 -7.57 -5.53
N LEU B 127 -17.42 -6.87 -6.63
CA LEU B 127 -17.09 -7.51 -7.87
C LEU B 127 -15.79 -8.32 -7.75
N LEU B 128 -14.76 -7.70 -7.16
CA LEU B 128 -13.45 -8.33 -6.94
C LEU B 128 -13.58 -9.51 -5.99
N GLU B 129 -14.37 -9.33 -4.93
CA GLU B 129 -14.67 -10.42 -4.02
C GLU B 129 -15.33 -11.59 -4.76
N SER B 130 -16.22 -11.29 -5.71
CA SER B 130 -16.89 -12.32 -6.52
C SER B 130 -15.91 -13.09 -7.40
N PHE B 131 -14.92 -12.38 -7.95
CA PHE B 131 -13.90 -13.02 -8.78
C PHE B 131 -13.14 -14.05 -7.94
N GLU B 132 -12.58 -13.57 -6.83
CA GLU B 132 -11.86 -14.43 -5.88
C GLU B 132 -12.70 -15.67 -5.53
N GLN B 133 -13.98 -15.45 -5.22
CA GLN B 133 -14.86 -16.54 -4.79
C GLN B 133 -15.30 -17.53 -5.90
N ALA B 134 -15.10 -17.17 -7.16
CA ALA B 134 -15.37 -18.08 -8.29
C ALA B 134 -14.13 -18.83 -8.77
N SER B 135 -13.01 -18.70 -8.06
CA SER B 135 -11.72 -19.25 -8.50
C SER B 135 -10.88 -19.75 -7.34
N LYS B 136 -10.34 -20.97 -7.47
CA LYS B 136 -9.38 -21.48 -6.49
C LYS B 136 -8.01 -20.79 -6.63
N ASP B 137 -7.63 -20.41 -7.85
CA ASP B 137 -6.31 -19.79 -8.09
C ASP B 137 -6.40 -18.27 -7.95
N ASN B 138 -5.23 -17.63 -7.99
CA ASN B 138 -5.14 -16.19 -8.15
C ASN B 138 -5.84 -15.72 -9.43
N VAL B 139 -6.50 -14.57 -9.33
CA VAL B 139 -7.13 -13.91 -10.48
C VAL B 139 -6.40 -12.57 -10.64
N ILE B 140 -5.94 -12.27 -11.85
CA ILE B 140 -5.09 -11.11 -12.08
C ILE B 140 -5.94 -9.97 -12.66
N ILE B 141 -5.72 -8.76 -12.17
CA ILE B 141 -6.40 -7.56 -12.66
C ILE B 141 -5.36 -6.59 -13.23
N VAL B 142 -5.34 -6.50 -14.55
CA VAL B 142 -4.42 -5.68 -15.27
C VAL B 142 -5.07 -4.35 -15.55
N LEU B 143 -4.41 -3.30 -15.07
CA LEU B 143 -4.75 -1.92 -15.46
C LEU B 143 -3.57 -1.32 -16.24
N ASP B 144 -3.67 -1.39 -17.57
CA ASP B 144 -2.54 -1.04 -18.42
C ASP B 144 -2.70 0.43 -18.75
N GLU B 145 -1.77 1.25 -18.27
CA GLU B 145 -1.81 2.72 -18.24
C GLU B 145 -2.84 3.18 -17.19
N ALA B 146 -2.65 2.67 -15.96
CA ALA B 146 -3.58 2.90 -14.84
C ALA B 146 -3.75 4.37 -14.48
N GLN B 147 -2.75 5.18 -14.79
CA GLN B 147 -2.86 6.60 -14.49
C GLN B 147 -3.89 7.36 -15.36
N GLU B 148 -4.34 6.76 -16.46
CA GLU B 148 -5.46 7.27 -17.20
C GLU B 148 -6.71 7.42 -16.32
N LEU B 149 -6.79 6.62 -15.26
CA LEU B 149 -7.93 6.65 -14.36
C LEU B 149 -8.05 7.96 -13.61
N VAL B 150 -7.01 8.77 -13.61
CA VAL B 150 -7.13 10.14 -13.10
C VAL B 150 -8.30 10.83 -13.80
N LYS B 151 -8.44 10.56 -15.09
CA LYS B 151 -9.47 11.20 -15.91
C LYS B 151 -10.91 10.71 -15.62
N LEU B 152 -11.03 9.57 -14.90
CA LEU B 152 -12.28 8.99 -14.50
C LEU B 152 -12.76 9.67 -13.21
N ARG B 153 -13.18 10.92 -13.36
CA ARG B 153 -13.43 11.80 -12.23
C ARG B 153 -14.67 11.43 -11.42
N GLY B 154 -15.56 10.63 -11.99
CA GLY B 154 -16.78 10.23 -11.28
C GLY B 154 -16.68 8.97 -10.44
N VAL B 155 -15.48 8.42 -10.27
CA VAL B 155 -15.25 7.16 -9.52
C VAL B 155 -13.95 7.26 -8.71
N ASN B 156 -13.98 6.86 -7.44
CA ASN B 156 -12.75 6.72 -6.62
C ASN B 156 -12.55 5.25 -6.29
N LEU B 157 -11.55 4.62 -6.94
CA LEU B 157 -11.28 3.21 -6.78
C LEU B 157 -10.33 2.91 -5.63
N LEU B 158 -9.72 3.95 -5.05
CA LEU B 158 -8.68 3.70 -4.05
C LEU B 158 -9.15 2.87 -2.84
N PRO B 159 -10.30 3.19 -2.25
CA PRO B 159 -10.79 2.35 -1.13
C PRO B 159 -11.01 0.88 -1.49
N ALA B 160 -11.48 0.58 -2.70
CA ALA B 160 -11.67 -0.81 -3.13
C ALA B 160 -10.34 -1.51 -3.31
N LEU B 161 -9.35 -0.76 -3.78
CA LEU B 161 -8.04 -1.32 -4.05
C LEU B 161 -7.34 -1.65 -2.73
N ALA B 162 -7.50 -0.77 -1.74
CA ALA B 162 -7.00 -1.01 -0.37
C ALA B 162 -7.77 -2.15 0.31
N TYR B 163 -9.09 -2.21 0.14
CA TYR B 163 -9.89 -3.34 0.63
C TYR B 163 -9.28 -4.63 0.10
N ALA B 164 -9.07 -4.66 -1.22
CA ALA B 164 -8.55 -5.82 -1.90
C ALA B 164 -7.18 -6.18 -1.37
N TYR B 165 -6.29 -5.18 -1.26
CA TYR B 165 -4.92 -5.36 -0.80
C TYR B 165 -4.87 -6.06 0.54
N ASP B 166 -5.69 -5.57 1.45
CA ASP B 166 -5.75 -6.09 2.84
C ASP B 166 -6.42 -7.44 2.96
N ASN B 167 -7.56 -7.56 2.28
CA ASN B 167 -8.50 -8.63 2.57
C ASN B 167 -8.55 -9.74 1.51
N LEU B 168 -8.31 -9.40 0.25
CA LEU B 168 -8.46 -10.37 -0.85
C LEU B 168 -7.10 -10.90 -1.31
N LYS B 169 -6.67 -12.00 -0.71
CA LYS B 169 -5.36 -12.57 -0.95
C LYS B 169 -5.24 -13.33 -2.28
N ARG B 170 -6.35 -13.52 -3.00
CA ARG B 170 -6.31 -14.17 -4.31
C ARG B 170 -6.61 -13.22 -5.48
N ILE B 171 -6.59 -11.91 -5.22
CA ILE B 171 -6.73 -10.89 -6.25
C ILE B 171 -5.38 -10.22 -6.41
N LYS B 172 -4.80 -10.32 -7.59
CA LYS B 172 -3.50 -9.71 -7.84
C LYS B 172 -3.63 -8.63 -8.91
N PHE B 173 -3.22 -7.40 -8.56
CA PHE B 173 -3.21 -6.31 -9.52
C PHE B 173 -1.85 -6.13 -10.17
N ILE B 174 -1.89 -5.78 -11.46
CA ILE B 174 -0.72 -5.34 -12.18
C ILE B 174 -1.11 -4.01 -12.80
N MSE B 175 -0.46 -2.94 -12.38
CA MSE B 175 -0.77 -1.62 -12.92
C MSE B 175 0.44 -1.02 -13.57
O MSE B 175 1.45 -0.78 -12.92
CB MSE B 175 -1.22 -0.65 -11.84
CG MSE B 175 -2.27 -1.24 -10.98
SE MSE B 175 -2.93 -0.10 -9.60
CE MSE B 175 -3.93 -1.39 -8.79
N SER B 176 0.29 -0.66 -14.83
CA SER B 176 1.37 -0.04 -15.54
C SER B 176 1.12 1.45 -15.74
N GLY B 177 2.21 2.14 -15.96
CA GLY B 177 2.16 3.56 -16.25
C GLY B 177 3.40 4.07 -16.97
N SER B 178 3.17 4.73 -18.11
CA SER B 178 4.21 5.43 -18.86
C SER B 178 4.46 6.83 -18.33
N GLU B 179 3.49 7.38 -17.58
CA GLU B 179 3.62 8.64 -16.85
C GLU B 179 3.78 8.23 -15.36
N MSE B 180 5.01 7.99 -14.95
CA MSE B 180 5.30 7.32 -13.70
CA MSE B 180 5.34 7.34 -13.67
C MSE B 180 4.86 8.18 -12.48
O MSE B 180 4.23 7.65 -11.57
CB MSE B 180 6.78 6.92 -13.61
CB MSE B 180 6.86 7.09 -13.53
CG MSE B 180 7.14 5.56 -14.28
CG MSE B 180 7.31 6.39 -12.21
SE MSE B 180 8.71 5.57 -15.49
SE MSE B 180 9.27 6.31 -11.77
CE MSE B 180 7.76 6.64 -16.63
CE MSE B 180 9.57 8.24 -11.51
N GLY B 181 5.17 9.47 -12.50
CA GLY B 181 4.85 10.32 -11.39
C GLY B 181 3.36 10.46 -11.24
N LEU B 182 2.65 10.55 -12.38
CA LEU B 182 1.21 10.65 -12.37
C LEU B 182 0.58 9.40 -11.78
N LEU B 183 1.13 8.22 -12.09
CA LEU B 183 0.62 6.94 -11.52
C LEU B 183 0.75 6.91 -9.98
N TYR B 184 1.91 7.34 -9.47
CA TYR B 184 2.11 7.46 -8.03
C TYR B 184 1.20 8.49 -7.39
N ASP B 185 0.93 9.57 -8.11
CA ASP B 185 -0.08 10.57 -7.68
C ASP B 185 -1.50 10.00 -7.67
N TYR B 186 -1.83 9.27 -8.72
CA TYR B 186 -3.15 8.62 -8.79
C TYR B 186 -3.40 7.74 -7.57
N LEU B 187 -2.36 7.01 -7.17
CA LEU B 187 -2.43 6.07 -6.04
C LEU B 187 -2.24 6.72 -4.68
N ARG B 188 -1.84 8.00 -4.68
CA ARG B 188 -1.59 8.80 -3.47
C ARG B 188 -0.64 8.14 -2.49
N VAL B 189 0.48 7.65 -3.01
CA VAL B 189 1.43 6.79 -2.28
C VAL B 189 2.12 7.48 -1.07
N GLU B 190 2.63 8.69 -1.30
CA GLU B 190 3.39 9.42 -0.28
C GLU B 190 2.48 10.11 0.73
N ASP B 191 1.16 9.96 0.55
CA ASP B 191 0.14 10.53 1.46
C ASP B 191 -0.35 9.54 2.56
N PRO B 192 0.01 9.81 3.83
CA PRO B 192 -0.52 8.95 4.91
C PRO B 192 -2.06 8.95 5.15
N GLU B 193 -2.79 9.92 4.58
CA GLU B 193 -4.27 9.95 4.68
C GLU B 193 -5.03 9.08 3.64
N SER B 194 -4.31 8.40 2.75
CA SER B 194 -4.90 7.73 1.59
C SER B 194 -5.04 6.24 1.83
N PRO B 195 -6.04 5.59 1.20
CA PRO B 195 -6.25 4.17 1.47
C PRO B 195 -5.02 3.29 1.29
N LEU B 196 -4.12 3.62 0.36
CA LEU B 196 -3.01 2.71 0.09
C LEU B 196 -1.69 2.98 0.84
N PHE B 197 -1.66 3.99 1.70
CA PHE B 197 -0.43 4.29 2.45
C PHE B 197 0.11 3.11 3.23
N GLY B 198 1.38 2.79 3.04
CA GLY B 198 2.03 1.71 3.76
C GLY B 198 1.80 0.34 3.14
N ARG B 199 1.09 0.33 2.01
CA ARG B 199 0.81 -0.92 1.32
C ARG B 199 1.81 -0.99 0.18
N ALA B 200 2.92 -1.63 0.50
CA ALA B 200 4.04 -1.72 -0.38
C ALA B 200 3.65 -2.43 -1.67
N PHE B 201 4.20 -1.96 -2.79
CA PHE B 201 3.93 -2.58 -4.07
C PHE B 201 5.17 -3.28 -4.55
N SER B 202 4.98 -4.36 -5.29
CA SER B 202 6.05 -4.96 -6.07
C SER B 202 6.26 -4.06 -7.28
N THR B 203 7.50 -3.67 -7.57
CA THR B 203 7.75 -2.72 -8.65
C THR B 203 8.67 -3.36 -9.69
N VAL B 204 8.20 -3.37 -10.94
CA VAL B 204 9.04 -3.80 -12.03
C VAL B 204 9.29 -2.59 -12.91
N GLU B 205 10.58 -2.27 -13.10
CA GLU B 205 10.97 -1.09 -13.81
C GLU B 205 11.69 -1.45 -15.11
N LEU B 206 11.13 -1.00 -16.22
CA LEU B 206 11.71 -1.23 -17.55
C LEU B 206 12.38 0.06 -18.00
N LYS B 207 13.69 0.03 -18.17
CA LYS B 207 14.48 1.19 -18.61
C LYS B 207 14.80 1.08 -20.11
N PRO B 208 15.16 2.21 -20.76
CA PRO B 208 15.66 2.07 -22.11
C PRO B 208 16.86 1.11 -22.15
N PHE B 209 17.09 0.49 -23.29
CA PHE B 209 18.28 -0.32 -23.50
C PHE B 209 19.52 0.55 -23.34
N SER B 210 20.49 0.04 -22.62
CA SER B 210 21.85 0.57 -22.69
C SER B 210 22.40 0.34 -24.10
N ARG B 211 23.48 1.04 -24.41
CA ARG B 211 24.20 0.81 -25.66
C ARG B 211 24.43 -0.69 -25.92
N GLU B 212 24.89 -1.41 -24.90
CA GLU B 212 25.24 -2.80 -25.08
C GLU B 212 23.99 -3.64 -25.32
N GLU B 213 22.93 -3.37 -24.57
CA GLU B 213 21.68 -4.09 -24.74
C GLU B 213 21.06 -3.82 -26.12
N ALA B 214 21.11 -2.57 -26.55
CA ALA B 214 20.58 -2.15 -27.84
C ALA B 214 21.26 -2.90 -29.00
N ILE B 215 22.59 -3.00 -28.94
CA ILE B 215 23.38 -3.72 -29.93
C ILE B 215 23.02 -5.20 -29.94
N GLU B 216 22.86 -5.80 -28.76
CA GLU B 216 22.47 -7.19 -28.66
C GLU B 216 21.08 -7.45 -29.15
N PHE B 217 20.15 -6.56 -28.83
CA PHE B 217 18.80 -6.59 -29.39
C PHE B 217 18.85 -6.64 -30.91
N LEU B 218 19.54 -5.70 -31.50
CA LEU B 218 19.62 -5.65 -32.95
C LEU B 218 20.29 -6.91 -33.50
N ARG B 219 21.37 -7.32 -32.85
CA ARG B 219 22.13 -8.48 -33.28
CA ARG B 219 22.13 -8.48 -33.30
C ARG B 219 21.25 -9.73 -33.29
N ARG B 220 20.44 -9.90 -32.24
CA ARG B 220 19.58 -11.08 -32.18
C ARG B 220 18.59 -11.07 -33.32
N GLY B 221 18.01 -9.93 -33.63
CA GLY B 221 16.97 -9.88 -34.65
C GLY B 221 17.51 -10.11 -36.04
N PHE B 222 18.71 -9.60 -36.29
CA PHE B 222 19.42 -9.89 -37.56
C PHE B 222 19.90 -11.31 -37.64
N GLN B 223 20.42 -11.86 -36.53
CA GLN B 223 20.77 -13.30 -36.51
C GLN B 223 19.54 -14.19 -36.86
N GLU B 224 18.38 -13.89 -36.28
CA GLU B 224 17.14 -14.62 -36.60
C GLU B 224 16.69 -14.45 -38.05
N ALA B 225 16.93 -13.27 -38.62
CA ALA B 225 16.61 -13.01 -40.01
C ALA B 225 17.66 -13.59 -40.95
N ASP B 226 18.79 -13.99 -40.37
CA ASP B 226 19.92 -14.55 -41.09
C ASP B 226 20.42 -13.56 -42.15
N ILE B 227 20.61 -12.31 -41.73
CA ILE B 227 21.23 -11.30 -42.55
C ILE B 227 22.37 -10.63 -41.79
N ASP B 228 23.36 -10.15 -42.55
CA ASP B 228 24.54 -9.49 -41.98
C ASP B 228 24.13 -8.08 -41.53
N PHE B 229 24.90 -7.52 -40.60
CA PHE B 229 24.74 -6.13 -40.21
C PHE B 229 26.03 -5.74 -39.53
N LYS B 230 26.46 -4.50 -39.72
CA LYS B 230 27.76 -4.02 -39.22
C LYS B 230 27.64 -2.75 -38.38
N ASP B 231 26.66 -1.89 -38.70
CA ASP B 231 26.64 -0.55 -38.16
C ASP B 231 25.78 -0.41 -36.88
N TYR B 232 25.96 -1.32 -35.93
CA TYR B 232 25.18 -1.32 -34.72
C TYR B 232 25.36 -0.01 -33.96
N GLU B 233 26.61 0.45 -33.85
CA GLU B 233 26.93 1.66 -33.10
C GLU B 233 26.25 2.91 -33.65
N VAL B 234 26.24 3.12 -34.96
CA VAL B 234 25.54 4.31 -35.49
C VAL B 234 24.02 4.27 -35.26
N VAL B 235 23.41 3.09 -35.31
CA VAL B 235 21.98 3.00 -35.06
C VAL B 235 21.69 3.45 -33.62
N TYR B 236 22.43 2.92 -32.64
CA TYR B 236 22.26 3.37 -31.27
C TYR B 236 22.49 4.90 -31.10
N GLU B 237 23.52 5.43 -31.76
CA GLU B 237 23.83 6.88 -31.71
C GLU B 237 22.73 7.76 -32.33
N LYS B 238 22.05 7.26 -33.36
CA LYS B 238 20.99 8.00 -34.02
C LYS B 238 19.59 7.82 -33.44
N ILE B 239 19.31 6.64 -32.88
CA ILE B 239 17.98 6.28 -32.39
C ILE B 239 17.89 6.27 -30.85
N GLY B 240 18.99 5.93 -30.18
CA GLY B 240 19.03 5.72 -28.76
C GLY B 240 18.47 4.37 -28.36
N GLY B 241 18.14 4.27 -27.05
CA GLY B 241 17.86 3.01 -26.39
C GLY B 241 16.41 2.58 -26.21
N ILE B 242 15.45 3.38 -26.67
CA ILE B 242 14.05 3.03 -26.46
C ILE B 242 13.70 1.81 -27.34
N PRO B 243 13.29 0.70 -26.71
CA PRO B 243 13.04 -0.52 -27.46
C PRO B 243 12.09 -0.38 -28.63
N GLY B 244 11.06 0.43 -28.47
CA GLY B 244 10.05 0.56 -29.52
C GLY B 244 10.59 1.17 -30.80
N TRP B 245 11.52 2.13 -30.65
CA TRP B 245 12.16 2.77 -31.79
C TRP B 245 13.10 1.81 -32.54
N LEU B 246 13.91 1.07 -31.77
CA LEU B 246 14.87 0.17 -32.32
C LEU B 246 14.17 -1.05 -32.96
N THR B 247 13.01 -1.42 -32.42
CA THR B 247 12.14 -2.47 -33.02
C THR B 247 11.66 -2.04 -34.43
N TYR B 248 11.21 -0.80 -34.48
CA TYR B 248 10.76 -0.22 -35.72
C TYR B 248 11.88 -0.17 -36.75
N PHE B 249 13.07 0.30 -36.33
CA PHE B 249 14.24 0.32 -37.19
C PHE B 249 14.52 -1.07 -37.79
N GLY B 250 14.59 -2.08 -36.92
CA GLY B 250 14.82 -3.46 -37.35
C GLY B 250 13.77 -3.92 -38.35
N PHE B 251 12.51 -3.63 -38.04
CA PHE B 251 11.37 -3.93 -38.90
C PHE B 251 11.53 -3.36 -40.33
N ILE B 252 11.94 -2.10 -40.40
CA ILE B 252 12.08 -1.41 -41.68
C ILE B 252 13.29 -1.99 -42.41
N TYR B 253 14.40 -2.05 -41.70
CA TYR B 253 15.65 -2.52 -42.30
C TYR B 253 15.55 -3.94 -42.83
N LEU B 254 14.91 -4.85 -42.11
CA LEU B 254 14.90 -6.23 -42.58
C LEU B 254 14.48 -6.30 -44.03
N ASP B 255 13.54 -5.45 -44.41
CA ASP B 255 13.01 -5.50 -45.73
C ASP B 255 13.62 -4.53 -46.70
N ASN B 256 13.90 -3.31 -46.27
CA ASN B 256 14.48 -2.32 -47.16
C ASN B 256 16.03 -2.44 -47.25
N LYS B 257 16.69 -2.77 -46.16
CA LYS B 257 18.16 -2.93 -46.10
C LYS B 257 19.03 -1.74 -46.56
N ASN B 258 18.51 -0.52 -46.51
CA ASN B 258 19.33 0.70 -46.70
C ASN B 258 19.44 1.36 -45.34
N LEU B 259 20.65 1.45 -44.81
CA LEU B 259 20.87 1.93 -43.44
C LEU B 259 20.37 3.34 -43.19
N ASP B 260 20.76 4.28 -44.03
CA ASP B 260 20.38 5.66 -43.80
C ASP B 260 18.86 5.90 -43.99
N PHE B 261 18.28 5.31 -45.04
CA PHE B 261 16.83 5.35 -45.23
C PHE B 261 16.07 4.81 -44.00
N ALA B 262 16.50 3.66 -43.53
CA ALA B 262 15.85 2.99 -42.41
C ALA B 262 16.02 3.82 -41.15
N ILE B 263 17.18 4.44 -40.96
CA ILE B 263 17.30 5.31 -39.79
C ILE B 263 16.37 6.51 -39.90
N ASN B 264 16.40 7.21 -41.03
CA ASN B 264 15.54 8.38 -41.23
C ASN B 264 14.02 8.07 -41.15
N GLN B 265 13.61 6.91 -41.65
CA GLN B 265 12.18 6.53 -41.58
C GLN B 265 11.76 6.38 -40.11
N THR B 266 12.63 5.77 -39.32
CA THR B 266 12.42 5.63 -37.88
C THR B 266 12.36 6.98 -37.16
N LEU B 267 13.27 7.85 -37.48
CA LEU B 267 13.25 9.17 -36.91
C LEU B 267 11.95 9.89 -37.24
N GLU B 268 11.45 9.71 -38.45
CA GLU B 268 10.19 10.36 -38.84
C GLU B 268 8.96 9.74 -38.16
N TYR B 269 8.90 8.42 -38.11
CA TYR B 269 7.91 7.70 -37.29
C TYR B 269 7.92 8.24 -35.88
N ALA B 270 9.12 8.28 -35.27
CA ALA B 270 9.26 8.70 -33.89
C ALA B 270 8.78 10.12 -33.66
N LYS B 271 9.28 11.06 -34.44
CA LYS B 271 8.97 12.48 -34.25
C LYS B 271 7.46 12.74 -34.29
N LYS B 272 6.83 12.17 -35.31
CA LYS B 272 5.40 12.30 -35.52
C LYS B 272 4.59 11.73 -34.35
N LEU B 273 4.96 10.54 -33.89
CA LEU B 273 4.30 9.93 -32.74
C LEU B 273 4.50 10.74 -31.44
N ILE B 274 5.76 11.10 -31.16
CA ILE B 274 6.08 11.98 -30.02
C ILE B 274 5.24 13.25 -30.00
N LEU B 275 5.13 13.91 -31.15
CA LEU B 275 4.42 15.17 -31.23
C LEU B 275 2.90 14.98 -31.14
N LYS B 276 2.41 13.84 -31.60
CA LYS B 276 1.01 13.48 -31.31
C LYS B 276 0.74 13.22 -29.79
N GLU B 277 1.63 12.47 -29.16
CA GLU B 277 1.58 12.30 -27.73
C GLU B 277 1.69 13.66 -26.99
N PHE B 278 2.48 14.61 -27.49
CA PHE B 278 2.52 15.92 -26.85
C PHE B 278 1.17 16.65 -26.98
N GLU B 279 0.48 16.49 -28.10
CA GLU B 279 -0.86 17.06 -28.25
C GLU B 279 -1.84 16.50 -27.22
N ASN B 280 -1.71 15.20 -26.92
CA ASN B 280 -2.51 14.57 -25.87
C ASN B 280 -2.19 15.16 -24.49
N PHE B 281 -0.92 15.47 -24.25
CA PHE B 281 -0.56 16.10 -22.99
C PHE B 281 -1.21 17.52 -22.93
N LEU B 282 -1.17 18.24 -24.03
CA LEU B 282 -1.68 19.60 -24.10
C LEU B 282 -3.21 19.70 -24.11
N HIS B 283 -3.89 18.58 -24.33
CA HIS B 283 -5.34 18.51 -24.25
C HIS B 283 -5.73 18.81 -22.80
N GLY B 284 -6.60 19.79 -22.62
CA GLY B 284 -6.90 20.32 -21.28
C GLY B 284 -5.94 21.41 -20.79
N ARG B 285 -4.90 21.72 -21.54
CA ARG B 285 -3.87 22.66 -21.09
C ARG B 285 -3.74 23.79 -22.07
N GLU B 286 -4.86 24.15 -22.69
CA GLU B 286 -4.92 25.08 -23.81
CA GLU B 286 -4.82 25.07 -23.84
C GLU B 286 -4.40 26.48 -23.46
N ILE B 287 -4.70 26.93 -22.24
CA ILE B 287 -4.24 28.24 -21.79
C ILE B 287 -2.69 28.29 -21.72
N ALA B 288 -2.05 27.15 -21.48
CA ALA B 288 -0.59 27.05 -21.25
C ALA B 288 0.15 26.49 -22.45
N ARG B 289 -0.54 26.36 -23.57
CA ARG B 289 -0.03 25.59 -24.69
C ARG B 289 1.29 26.12 -25.25
N LYS B 290 1.31 27.42 -25.51
CA LYS B 290 2.48 28.06 -26.00
C LYS B 290 3.63 27.98 -25.02
N ARG B 291 3.35 28.10 -23.73
CA ARG B 291 4.44 28.00 -22.74
C ARG B 291 5.00 26.58 -22.69
N TYR B 292 4.13 25.57 -22.75
CA TYR B 292 4.65 24.22 -22.70
C TYR B 292 5.55 23.92 -23.89
N LEU B 293 5.16 24.39 -25.08
CA LEU B 293 5.95 24.16 -26.31
C LEU B 293 7.30 24.85 -26.21
N ASN B 294 7.27 26.06 -25.71
CA ASN B 294 8.48 26.83 -25.42
C ASN B 294 9.44 26.12 -24.48
N ILE B 295 8.91 25.54 -23.42
CA ILE B 295 9.77 24.87 -22.42
C ILE B 295 10.50 23.68 -23.07
N MSE B 296 9.75 22.91 -23.80
CA MSE B 296 10.31 21.68 -24.43
C MSE B 296 11.35 22.00 -25.50
O MSE B 296 12.37 21.30 -25.64
CB MSE B 296 9.18 20.81 -25.01
CG MSE B 296 8.31 20.11 -23.97
SE MSE B 296 9.30 19.08 -22.67
CE MSE B 296 10.18 17.85 -23.70
N ARG B 297 11.11 23.07 -26.25
CA ARG B 297 12.06 23.56 -27.20
C ARG B 297 13.32 24.04 -26.49
N THR B 298 13.15 24.74 -25.38
CA THR B 298 14.26 25.21 -24.58
C THR B 298 15.07 24.04 -24.00
N LEU B 299 14.36 23.00 -23.57
CA LEU B 299 15.01 21.85 -22.95
C LEU B 299 15.45 20.80 -23.94
N SER B 300 15.36 21.10 -25.23
CA SER B 300 15.88 20.19 -26.27
C SER B 300 17.33 19.80 -25.96
N LYS B 301 18.16 20.78 -25.58
CA LYS B 301 19.57 20.53 -25.31
C LYS B 301 19.87 20.50 -23.81
N CYS B 302 18.85 20.15 -23.03
CA CYS B 302 18.81 20.26 -21.59
C CYS B 302 18.90 21.71 -21.17
N GLY B 303 18.59 21.93 -19.89
CA GLY B 303 18.73 23.28 -19.32
C GLY B 303 18.33 23.36 -17.86
N LYS B 304 18.61 24.50 -17.27
CA LYS B 304 18.34 24.71 -15.88
C LYS B 304 17.06 25.53 -15.76
N TRP B 305 16.57 25.69 -14.52
CA TRP B 305 15.42 26.53 -14.24
C TRP B 305 15.58 27.91 -14.87
N SER B 306 16.77 28.47 -14.74
CA SER B 306 17.05 29.81 -15.27
C SER B 306 16.93 29.87 -16.80
N ASP B 307 17.26 28.76 -17.48
CA ASP B 307 17.14 28.76 -18.96
C ASP B 307 15.67 28.74 -19.36
N VAL B 308 14.88 27.93 -18.64
CA VAL B 308 13.44 27.80 -18.85
C VAL B 308 12.77 29.15 -18.61
N LYS B 309 12.99 29.73 -17.43
CA LYS B 309 12.40 31.02 -17.09
C LYS B 309 12.76 32.07 -18.13
N ARG B 310 14.06 32.18 -18.43
CA ARG B 310 14.57 33.16 -19.37
C ARG B 310 13.85 33.11 -20.74
N ALA B 311 13.61 31.89 -21.22
CA ALA B 311 13.03 31.70 -22.56
C ALA B 311 11.52 31.96 -22.56
N LEU B 312 10.83 31.58 -21.48
CA LEU B 312 9.40 31.95 -21.32
C LEU B 312 9.18 33.46 -21.32
N GLU B 313 10.00 34.19 -20.55
CA GLU B 313 9.84 35.63 -20.43
C GLU B 313 10.22 36.33 -21.73
N LEU B 314 11.23 35.80 -22.43
CA LEU B 314 11.61 36.33 -23.72
C LEU B 314 10.47 36.24 -24.74
N GLU B 315 9.79 35.09 -24.82
CA GLU B 315 8.70 34.93 -25.78
C GLU B 315 7.54 35.91 -25.55
N GLU B 316 7.11 36.07 -24.29
CA GLU B 316 5.93 36.85 -23.95
C GLU B 316 6.22 38.27 -23.52
N GLY B 317 7.47 38.55 -23.22
CA GLY B 317 7.87 39.88 -22.82
C GLY B 317 7.34 40.37 -21.48
N ILE B 318 7.03 39.45 -20.59
CA ILE B 318 6.62 39.79 -19.23
C ILE B 318 7.29 38.88 -18.22
N GLU B 319 7.33 39.31 -16.96
CA GLU B 319 7.82 38.47 -15.88
C GLU B 319 6.79 37.37 -15.58
N ILE B 320 7.28 36.17 -15.30
CA ILE B 320 6.44 35.02 -15.02
C ILE B 320 6.90 34.48 -13.69
N SER B 321 5.92 34.04 -12.89
CA SER B 321 6.13 33.71 -11.51
C SER B 321 6.78 32.36 -11.32
N ASP B 322 7.63 32.28 -10.31
CA ASP B 322 8.30 31.03 -10.00
C ASP B 322 7.31 29.90 -9.79
N SER B 323 6.14 30.22 -9.23
CA SER B 323 5.06 29.24 -9.05
C SER B 323 4.50 28.69 -10.35
N GLU B 324 4.32 29.54 -11.34
CA GLU B 324 3.79 29.07 -12.64
C GLU B 324 4.82 28.16 -13.34
N ILE B 325 6.07 28.59 -13.32
CA ILE B 325 7.13 27.81 -13.94
C ILE B 325 7.32 26.44 -13.27
N TYR B 326 7.37 26.45 -11.94
CA TYR B 326 7.45 25.25 -11.12
C TYR B 326 6.27 24.28 -11.42
N ASN B 327 5.09 24.83 -11.63
CA ASN B 327 3.96 24.01 -11.99
C ASN B 327 4.18 23.31 -13.34
N TYR B 328 4.58 24.08 -14.35
CA TYR B 328 4.86 23.52 -15.68
C TYR B 328 5.87 22.39 -15.67
N LEU B 329 6.99 22.63 -14.98
CA LEU B 329 8.06 21.64 -14.89
C LEU B 329 7.64 20.40 -14.13
N THR B 330 6.79 20.59 -13.13
CA THR B 330 6.20 19.49 -12.37
C THR B 330 5.30 18.62 -13.25
N GLN B 331 4.42 19.23 -14.02
CA GLN B 331 3.53 18.48 -14.92
C GLN B 331 4.31 17.72 -15.98
N LEU B 332 5.31 18.37 -16.56
CA LEU B 332 6.16 17.71 -17.56
C LEU B 332 6.97 16.55 -16.93
N THR B 333 7.41 16.73 -15.68
CA THR B 333 8.07 15.66 -14.96
C THR B 333 7.15 14.49 -14.63
N LYS B 334 5.98 14.77 -14.07
CA LYS B 334 5.10 13.66 -13.66
C LYS B 334 4.49 12.93 -14.85
N HIS B 335 4.41 13.60 -15.99
CA HIS B 335 4.01 12.94 -17.24
C HIS B 335 5.18 12.35 -18.05
N SER B 336 6.38 12.39 -17.47
CA SER B 336 7.57 11.68 -17.98
C SER B 336 8.11 12.23 -19.32
N TRP B 337 7.87 13.52 -19.57
CA TRP B 337 8.45 14.25 -20.71
C TRP B 337 9.89 14.66 -20.43
N ILE B 338 10.14 15.02 -19.19
CA ILE B 338 11.47 15.40 -18.76
C ILE B 338 11.87 14.74 -17.43
N ILE B 339 13.18 14.76 -17.18
CA ILE B 339 13.77 14.19 -15.98
C ILE B 339 14.77 15.21 -15.48
N LYS B 340 14.84 15.37 -14.15
CA LYS B 340 15.80 16.28 -13.52
C LYS B 340 16.99 15.50 -12.95
N GLU B 341 18.20 15.89 -13.35
CA GLU B 341 19.41 15.33 -12.78
C GLU B 341 20.23 16.50 -12.22
N GLY B 342 20.10 16.68 -10.92
CA GLY B 342 20.68 17.83 -10.23
C GLY B 342 19.95 19.08 -10.67
N GLU B 343 20.71 19.99 -11.28
CA GLU B 343 20.17 21.26 -11.74
C GLU B 343 19.63 21.21 -13.18
N LYS B 344 20.00 20.17 -13.96
CA LYS B 344 19.59 20.09 -15.37
C LYS B 344 18.31 19.25 -15.51
N TYR B 345 17.38 19.79 -16.29
CA TYR B 345 16.22 19.07 -16.81
C TYR B 345 16.55 18.66 -18.24
N CYS B 346 16.30 17.40 -18.57
CA CYS B 346 16.57 16.85 -19.88
C CYS B 346 15.29 16.16 -20.34
N PRO B 347 15.07 16.13 -21.65
CA PRO B 347 14.00 15.30 -22.18
C PRO B 347 14.29 13.88 -21.77
N SER B 348 13.23 13.09 -21.64
CA SER B 348 13.34 11.77 -21.03
CA SER B 348 13.34 11.78 -21.01
C SER B 348 14.05 10.76 -21.90
N GLU B 349 14.05 10.99 -23.20
CA GLU B 349 14.76 10.13 -24.10
C GLU B 349 15.15 10.95 -25.33
N PRO B 350 16.21 10.50 -26.05
CA PRO B 350 16.84 11.26 -27.12
C PRO B 350 15.94 11.72 -28.24
N LEU B 351 14.94 10.94 -28.63
CA LEU B 351 14.15 11.36 -29.75
C LEU B 351 13.12 12.41 -29.37
N ILE B 352 12.88 12.56 -28.07
CA ILE B 352 12.07 13.68 -27.59
C ILE B 352 12.89 14.98 -27.73
N SER B 353 14.18 14.95 -27.45
CA SER B 353 15.03 16.13 -27.78
C SER B 353 14.93 16.49 -29.26
N LEU B 354 15.12 15.50 -30.11
CA LEU B 354 15.03 15.67 -31.55
C LEU B 354 13.71 16.26 -31.98
N ALA B 355 12.59 15.72 -31.47
CA ALA B 355 11.27 16.17 -31.90
C ALA B 355 11.08 17.67 -31.64
N PHE B 356 11.80 18.22 -30.65
CA PHE B 356 11.63 19.63 -30.28
C PHE B 356 12.83 20.48 -30.62
N SER B 357 13.79 19.93 -31.36
CA SER B 357 14.95 20.69 -31.83
C SER B 357 14.63 21.51 -33.07
MG MG C . -2.07 -4.34 15.50
PB ADP D . 1.10 -4.72 15.90
O1B ADP D . 1.84 -5.11 17.13
O2B ADP D . 1.25 -3.23 15.60
O3B ADP D . -0.28 -5.24 15.75
PA ADP D . 1.54 -6.19 13.37
O1A ADP D . 1.06 -7.59 13.59
O2A ADP D . 0.54 -5.37 12.68
O3A ADP D . 2.04 -5.41 14.70
O5' ADP D . 2.95 -6.30 12.66
C5' ADP D . 3.64 -5.16 12.12
C4' ADP D . 4.36 -5.55 10.83
O4' ADP D . 5.52 -6.33 11.10
C3' ADP D . 3.54 -6.38 9.89
O3' ADP D . 4.04 -6.11 8.56
C2' ADP D . 3.90 -7.81 10.24
O2' ADP D . 3.75 -8.70 9.15
C1' ADP D . 5.36 -7.64 10.59
N9 ADP D . 5.88 -8.53 11.61
C8 ADP D . 5.91 -8.26 12.94
N7 ADP D . 6.51 -9.26 13.59
C5 ADP D . 6.84 -10.20 12.68
C6 ADP D . 7.51 -11.53 12.68
N6 ADP D . 7.94 -12.07 13.84
N1 ADP D . 7.70 -12.16 11.49
C2 ADP D . 7.29 -11.63 10.32
N3 ADP D . 6.69 -10.43 10.25
C4 ADP D . 6.45 -9.70 11.37
C1 EDO E . -15.07 -15.78 11.94
O1 EDO E . -15.37 -14.67 11.10
C2 EDO E . -16.35 -16.48 12.40
O2 EDO E . -16.02 -17.53 13.32
C1 EDO F . -1.67 -8.68 36.41
O1 EDO F . -0.80 -8.07 35.42
C2 EDO F . -2.99 -9.24 35.86
O2 EDO F . -2.99 -10.66 36.00
C1 EDO G . 4.70 -1.77 9.63
O1 EDO G . 3.84 -0.64 9.89
C2 EDO G . 5.13 -1.80 8.16
O2 EDO G . 4.90 -3.09 7.60
C1 EDO H . -7.88 -13.89 11.07
O1 EDO H . -7.02 -13.63 9.96
C2 EDO H . -9.09 -12.98 11.00
O2 EDO H . -8.72 -11.59 10.94
C1 EDO I . -16.51 0.01 36.66
O1 EDO I . -17.81 -0.63 36.40
C2 EDO I . -16.34 0.51 38.10
O2 EDO I . -15.05 1.11 38.37
C1 EDO J . 7.62 17.25 14.30
O1 EDO J . 7.42 18.14 13.20
C2 EDO J . 9.01 16.61 14.21
O2 EDO J . 9.90 17.23 15.15
MG MG K . 1.73 -0.20 -23.29
PB ADP L . 5.01 0.00 -23.66
O1B ADP L . 6.02 0.18 -22.57
O2B ADP L . 4.79 1.32 -24.36
O3B ADP L . 3.75 -0.74 -23.30
PA ADP L . 5.26 -2.10 -25.65
O1A ADP L . 5.22 -3.41 -24.93
O2A ADP L . 4.03 -1.71 -26.47
O3A ADP L . 5.83 -0.91 -24.73
O5' ADP L . 6.55 -2.18 -26.68
C5' ADP L . 6.78 -1.24 -27.73
C4' ADP L . 7.39 -1.94 -28.94
O4' ADP L . 8.68 -2.45 -28.59
C3' ADP L . 6.62 -3.15 -29.45
O3' ADP L . 6.80 -3.17 -30.86
C2' ADP L . 7.26 -4.34 -28.77
O2' ADP L . 7.03 -5.51 -29.51
C1' ADP L . 8.71 -3.88 -28.71
N9 ADP L . 9.58 -4.31 -27.58
C8 ADP L . 9.82 -3.63 -26.44
N7 ADP L . 10.77 -4.29 -25.67
C5 ADP L . 11.12 -5.40 -26.38
C6 ADP L . 12.02 -6.56 -26.18
N6 ADP L . 12.77 -6.67 -25.06
N1 ADP L . 12.08 -7.48 -27.15
C2 ADP L . 11.33 -7.45 -28.28
N3 ADP L . 10.50 -6.43 -28.54
C4 ADP L . 10.35 -5.41 -27.62
C1 EDO M . -16.17 1.41 -5.38
O1 EDO M . -16.83 1.06 -6.61
C2 EDO M . -16.81 0.68 -4.20
O2 EDO M . -16.06 -0.48 -3.82
#